data_7CBS
#
_entry.id   7CBS
#
_cell.length_a   51.526
_cell.length_b   51.526
_cell.length_c   408.208
_cell.angle_alpha   90.00
_cell.angle_beta   90.00
_cell.angle_gamma   120.00
#
_symmetry.space_group_name_H-M   'P 32'
#
loop_
_entity.id
_entity.type
_entity.pdbx_description
1 polymer 'LPXTG cell wall anchor domain-containing protein'
2 non-polymer 'MAGNESIUM ION'
3 non-polymer 'CHLORIDE ION'
4 water water
#
_entity_poly.entity_id   1
_entity_poly.type   'polypeptide(L)'
_entity_poly.pdbx_seq_one_letter_code
;MGSSHHHHHHSSGLVPRGSHMAATVPTTVDVVLHKLLFKDTLPTQQANNGTTKPDFSQADVPLNGVTFTVYDVTADFWQL
VSKNGGAIEVAQTTLSQDSYQPASSSLIAQVVTAGQGEAYFGDLPLRQGQHAAVYLFKETAAPKNIEASQNLVVVMSSNL
QHGNQSRIDLFPKNK
;
_entity_poly.pdbx_strand_id   A,B,C,D,E,G,F,L
#
# COMPACT_ATOMS: atom_id res chain seq x y z
N ALA A 22 0.98 11.39 -2.81
CA ALA A 22 -0.32 11.66 -2.11
C ALA A 22 -1.32 10.51 -2.34
N ALA A 23 -1.20 9.77 -3.45
CA ALA A 23 -2.14 8.69 -3.86
C ALA A 23 -1.41 7.34 -3.93
N THR A 24 -1.84 6.37 -3.11
CA THR A 24 -1.34 4.96 -3.08
C THR A 24 -2.15 4.11 -4.07
N VAL A 25 -3.21 4.67 -4.65
CA VAL A 25 -4.19 4.04 -5.58
C VAL A 25 -4.58 5.08 -6.63
N PRO A 26 -4.83 4.71 -7.91
CA PRO A 26 -5.22 5.69 -8.92
C PRO A 26 -6.47 6.50 -8.51
N THR A 27 -6.29 7.80 -8.25
CA THR A 27 -7.33 8.72 -7.68
C THR A 27 -7.65 9.84 -8.67
N THR A 28 -6.67 10.26 -9.50
CA THR A 28 -6.79 11.42 -10.43
C THR A 28 -6.15 11.09 -11.78
N VAL A 29 -6.52 11.87 -12.80
CA VAL A 29 -5.92 11.81 -14.17
C VAL A 29 -5.70 13.25 -14.66
N ASP A 30 -4.75 13.43 -15.58
CA ASP A 30 -4.50 14.71 -16.28
C ASP A 30 -5.19 14.66 -17.63
N VAL A 31 -5.88 15.75 -18.00
CA VAL A 31 -6.55 15.91 -19.33
C VAL A 31 -5.94 17.14 -20.01
N VAL A 32 -5.32 16.93 -21.17
CA VAL A 32 -4.80 18.00 -22.06
C VAL A 32 -5.70 18.05 -23.30
N LEU A 33 -6.41 19.17 -23.49
CA LEU A 33 -7.19 19.47 -24.72
C LEU A 33 -6.28 20.18 -25.72
N HIS A 34 -6.22 19.71 -26.97
CA HIS A 34 -5.42 20.28 -28.08
C HIS A 34 -6.34 21.01 -29.06
N LYS A 35 -6.24 22.34 -29.12
CA LYS A 35 -6.92 23.20 -30.13
C LYS A 35 -5.95 23.47 -31.28
N LEU A 36 -6.07 22.69 -32.36
CA LEU A 36 -5.34 22.83 -33.65
C LEU A 36 -6.30 23.40 -34.71
N LEU A 37 -5.77 23.81 -35.87
CA LEU A 37 -6.56 24.29 -37.04
C LEU A 37 -6.60 23.17 -38.11
N PHE A 38 -7.60 23.23 -38.99
CA PHE A 38 -7.74 22.40 -40.23
C PHE A 38 -6.36 22.03 -40.77
N ASP A 60 -2.47 20.75 -37.80
CA ASP A 60 -1.06 21.09 -38.07
C ASP A 60 -0.76 22.54 -37.67
N VAL A 61 -1.65 23.19 -36.88
CA VAL A 61 -1.54 24.63 -36.51
C VAL A 61 -2.09 24.83 -35.11
N PRO A 62 -1.23 25.07 -34.08
CA PRO A 62 -1.72 25.30 -32.71
C PRO A 62 -2.37 26.69 -32.53
N LEU A 63 -3.45 26.73 -31.74
CA LEU A 63 -4.25 27.96 -31.46
C LEU A 63 -4.21 28.25 -29.95
N ASN A 64 -3.32 29.16 -29.55
CA ASN A 64 -3.08 29.56 -28.14
C ASN A 64 -3.96 30.78 -27.81
N GLY A 65 -4.39 30.89 -26.55
CA GLY A 65 -5.23 32.00 -26.05
C GLY A 65 -6.72 31.67 -26.10
N VAL A 66 -7.07 30.39 -26.21
CA VAL A 66 -8.49 29.89 -26.30
C VAL A 66 -8.86 29.28 -24.94
N THR A 67 -9.89 29.82 -24.29
CA THR A 67 -10.34 29.44 -22.92
C THR A 67 -11.28 28.24 -23.01
N PHE A 68 -10.84 27.08 -22.51
CA PHE A 68 -11.67 25.88 -22.27
C PHE A 68 -12.00 25.82 -20.78
N THR A 69 -13.27 25.51 -20.47
CA THR A 69 -13.83 25.36 -19.10
C THR A 69 -14.28 23.90 -18.94
N VAL A 70 -13.93 23.27 -17.82
CA VAL A 70 -14.28 21.85 -17.50
C VAL A 70 -15.32 21.85 -16.37
N TYR A 71 -16.42 21.12 -16.55
CA TYR A 71 -17.55 20.99 -15.60
C TYR A 71 -17.69 19.52 -15.18
N ASP A 72 -18.05 19.29 -13.91
CA ASP A 72 -18.46 17.97 -13.37
C ASP A 72 -19.93 17.72 -13.74
N VAL A 73 -20.20 16.73 -14.59
CA VAL A 73 -21.59 16.37 -15.05
C VAL A 73 -21.93 14.94 -14.60
N THR A 74 -21.23 14.43 -13.58
CA THR A 74 -21.30 13.01 -13.13
C THR A 74 -22.74 12.60 -12.78
N ALA A 75 -23.41 13.36 -11.92
CA ALA A 75 -24.76 13.05 -11.38
C ALA A 75 -25.80 13.10 -12.50
N ASP A 76 -25.80 14.17 -13.31
CA ASP A 76 -26.72 14.35 -14.45
C ASP A 76 -26.47 13.25 -15.49
N PHE A 77 -25.20 12.93 -15.74
CA PHE A 77 -24.79 11.91 -16.75
C PHE A 77 -25.40 10.54 -16.40
N TRP A 78 -25.17 10.06 -15.18
CA TRP A 78 -25.62 8.69 -14.75
C TRP A 78 -27.14 8.65 -14.57
N GLN A 79 -27.75 9.80 -14.28
CA GLN A 79 -29.22 9.96 -14.17
C GLN A 79 -29.84 9.80 -15.56
N LEU A 80 -29.18 10.34 -16.59
CA LEU A 80 -29.63 10.30 -18.01
C LEU A 80 -29.48 8.87 -18.55
N VAL A 81 -28.33 8.24 -18.28
CA VAL A 81 -28.00 6.85 -18.73
C VAL A 81 -28.96 5.85 -18.07
N SER A 82 -29.28 6.05 -16.79
CA SER A 82 -30.21 5.18 -16.01
C SER A 82 -31.63 5.34 -16.52
N LYS A 83 -32.01 6.54 -16.98
CA LYS A 83 -33.35 6.85 -17.54
C LYS A 83 -33.52 6.22 -18.93
N ASN A 84 -32.47 6.27 -19.78
CA ASN A 84 -32.56 5.93 -21.22
C ASN A 84 -32.30 4.43 -21.44
N GLY A 85 -31.73 3.73 -20.44
CA GLY A 85 -31.56 2.27 -20.47
C GLY A 85 -30.17 1.86 -20.93
N GLY A 86 -29.14 2.64 -20.57
CA GLY A 86 -27.71 2.28 -20.73
C GLY A 86 -27.12 2.75 -22.04
N ALA A 87 -27.71 3.77 -22.68
CA ALA A 87 -27.22 4.40 -23.93
C ALA A 87 -26.19 5.48 -23.57
N ILE A 88 -24.91 5.12 -23.56
CA ILE A 88 -23.77 5.98 -23.09
C ILE A 88 -23.55 7.12 -24.10
N GLU A 89 -23.44 6.77 -25.39
CA GLU A 89 -23.23 7.71 -26.53
C GLU A 89 -24.34 8.76 -26.55
N VAL A 90 -25.60 8.33 -26.39
CA VAL A 90 -26.81 9.20 -26.40
C VAL A 90 -26.70 10.24 -25.29
N ALA A 91 -26.22 9.84 -24.11
CA ALA A 91 -26.06 10.70 -22.91
C ALA A 91 -24.88 11.65 -23.10
N GLN A 92 -23.80 11.19 -23.75
CA GLN A 92 -22.63 12.02 -24.11
C GLN A 92 -23.09 13.14 -25.07
N THR A 93 -23.92 12.80 -26.05
CA THR A 93 -24.44 13.74 -27.08
C THR A 93 -25.42 14.74 -26.46
N THR A 94 -26.28 14.28 -25.54
CA THR A 94 -27.30 15.12 -24.84
C THR A 94 -26.59 16.17 -23.98
N LEU A 95 -25.58 15.77 -23.21
CA LEU A 95 -24.83 16.66 -22.28
C LEU A 95 -23.81 17.52 -23.05
N SER A 96 -23.56 17.21 -24.33
CA SER A 96 -22.65 17.97 -25.23
C SER A 96 -23.42 19.10 -25.92
N GLN A 97 -24.75 19.14 -25.79
CA GLN A 97 -25.62 20.16 -26.45
C GLN A 97 -25.44 21.51 -25.75
N ASP A 98 -25.65 22.61 -26.48
CA ASP A 98 -25.60 24.00 -25.97
C ASP A 98 -26.85 24.28 -25.15
N SER A 99 -27.89 23.45 -25.27
CA SER A 99 -29.11 23.48 -24.43
C SER A 99 -28.73 23.28 -22.96
N TYR A 100 -28.03 22.18 -22.65
CA TYR A 100 -27.65 21.75 -21.28
C TYR A 100 -26.92 22.88 -20.56
N GLN A 101 -27.52 23.41 -19.48
CA GLN A 101 -26.91 24.44 -18.59
C GLN A 101 -26.44 23.76 -17.32
N PRO A 102 -25.13 23.48 -17.15
CA PRO A 102 -24.64 22.80 -15.95
C PRO A 102 -24.90 23.63 -14.68
N ALA A 103 -25.05 22.96 -13.53
CA ALA A 103 -25.10 23.60 -12.19
C ALA A 103 -23.89 24.52 -12.04
N SER A 104 -24.07 25.76 -11.59
CA SER A 104 -23.00 26.79 -11.45
C SER A 104 -21.87 26.29 -10.56
N SER A 105 -22.18 25.39 -9.62
CA SER A 105 -21.23 24.82 -8.62
C SER A 105 -20.48 23.61 -9.18
N SER A 106 -20.68 23.28 -10.47
CA SER A 106 -20.05 22.14 -11.18
C SER A 106 -18.74 22.56 -11.87
N LEU A 107 -18.56 23.86 -12.14
CA LEU A 107 -17.35 24.43 -12.78
C LEU A 107 -16.13 24.12 -11.90
N ILE A 108 -15.15 23.39 -12.44
CA ILE A 108 -13.94 22.92 -11.71
C ILE A 108 -12.79 23.89 -11.99
N ALA A 109 -12.45 24.11 -13.27
CA ALA A 109 -11.27 24.88 -13.70
C ALA A 109 -11.53 25.53 -15.07
N GLN A 110 -10.93 26.71 -15.29
CA GLN A 110 -10.95 27.47 -16.56
C GLN A 110 -9.49 27.71 -16.98
N VAL A 111 -9.10 27.22 -18.15
CA VAL A 111 -7.67 27.09 -18.60
C VAL A 111 -7.54 27.57 -20.04
N VAL A 112 -6.49 28.35 -20.32
CA VAL A 112 -6.19 28.97 -21.65
C VAL A 112 -5.20 28.06 -22.39
N THR A 113 -5.33 27.96 -23.72
CA THR A 113 -4.40 27.18 -24.59
C THR A 113 -3.06 27.90 -24.68
N ALA A 114 -1.96 27.18 -24.45
CA ALA A 114 -0.56 27.67 -24.56
C ALA A 114 0.33 26.58 -25.18
N GLY A 115 1.59 26.91 -25.48
CA GLY A 115 2.57 26.02 -26.11
C GLY A 115 2.09 25.54 -27.48
N GLN A 116 1.74 24.26 -27.58
CA GLN A 116 1.24 23.59 -28.82
C GLN A 116 -0.29 23.50 -28.77
N GLY A 117 -0.96 24.64 -28.61
CA GLY A 117 -2.44 24.74 -28.51
C GLY A 117 -3.00 23.84 -27.42
N GLU A 118 -2.29 23.71 -26.31
CA GLU A 118 -2.60 22.76 -25.20
C GLU A 118 -3.30 23.50 -24.06
N ALA A 119 -4.41 22.96 -23.57
CA ALA A 119 -5.12 23.39 -22.34
C ALA A 119 -5.01 22.27 -21.30
N TYR A 120 -4.18 22.46 -20.27
CA TYR A 120 -3.79 21.43 -19.28
C TYR A 120 -4.76 21.48 -18.09
N PHE A 121 -5.41 20.35 -17.80
CA PHE A 121 -6.28 20.13 -16.62
C PHE A 121 -5.71 18.99 -15.78
N GLY A 122 -4.90 19.34 -14.78
CA GLY A 122 -4.20 18.37 -13.90
C GLY A 122 -5.05 17.99 -12.71
N ASP A 123 -4.90 16.73 -12.25
CA ASP A 123 -5.56 16.18 -11.04
C ASP A 123 -7.09 16.34 -11.13
N LEU A 124 -7.68 15.94 -12.25
CA LEU A 124 -9.16 15.70 -12.34
C LEU A 124 -9.46 14.38 -11.64
N PRO A 125 -10.28 14.37 -10.56
CA PRO A 125 -10.72 13.13 -9.91
C PRO A 125 -11.34 12.11 -10.87
N LEU A 126 -10.98 10.83 -10.69
CA LEU A 126 -11.55 9.69 -11.44
C LEU A 126 -12.97 9.40 -10.94
N ARG A 127 -13.27 9.75 -9.69
CA ARG A 127 -14.58 9.49 -9.02
C ARG A 127 -15.12 10.78 -8.41
N GLN A 128 -16.44 10.99 -8.52
CA GLN A 128 -17.18 12.07 -7.80
C GLN A 128 -18.21 11.39 -6.90
N GLY A 129 -17.82 11.11 -5.65
CA GLY A 129 -18.56 10.23 -4.73
C GLY A 129 -18.15 8.78 -4.93
N GLN A 130 -19.13 7.88 -5.12
CA GLN A 130 -18.89 6.43 -5.37
C GLN A 130 -18.84 6.16 -6.88
N HIS A 131 -19.16 7.16 -7.70
CA HIS A 131 -19.40 7.03 -9.17
C HIS A 131 -18.14 7.44 -9.94
N ALA A 132 -17.86 6.74 -11.04
CA ALA A 132 -16.89 7.15 -12.08
C ALA A 132 -17.20 8.59 -12.47
N ALA A 133 -16.19 9.46 -12.54
CA ALA A 133 -16.37 10.90 -12.85
C ALA A 133 -16.72 11.05 -14.34
N VAL A 134 -17.48 12.09 -14.68
CA VAL A 134 -17.79 12.48 -16.09
C VAL A 134 -17.66 14.01 -16.17
N TYR A 135 -16.91 14.49 -17.18
CA TYR A 135 -16.53 15.92 -17.33
C TYR A 135 -17.00 16.42 -18.70
N LEU A 136 -17.54 17.65 -18.72
CA LEU A 136 -17.92 18.40 -19.94
C LEU A 136 -16.85 19.46 -20.20
N PHE A 137 -16.31 19.50 -21.42
CA PHE A 137 -15.22 20.43 -21.85
C PHE A 137 -15.78 21.38 -22.92
N LYS A 138 -16.00 22.65 -22.56
CA LYS A 138 -16.54 23.70 -23.46
C LYS A 138 -15.48 24.77 -23.74
N GLU A 139 -15.48 25.32 -24.96
CA GLU A 139 -14.73 26.55 -25.33
C GLU A 139 -15.62 27.75 -24.99
N THR A 140 -15.25 28.52 -23.97
CA THR A 140 -16.08 29.62 -23.38
C THR A 140 -15.53 30.99 -23.79
N ALA A 141 -14.36 31.06 -24.42
CA ALA A 141 -13.74 32.31 -24.91
C ALA A 141 -12.65 31.99 -25.95
N ALA A 142 -12.56 32.82 -26.99
CA ALA A 142 -11.58 32.70 -28.09
C ALA A 142 -11.35 34.08 -28.70
N PRO A 143 -10.12 34.39 -29.17
CA PRO A 143 -9.90 35.53 -30.06
C PRO A 143 -10.89 35.51 -31.23
N LYS A 144 -11.13 36.67 -31.86
CA LYS A 144 -12.00 36.79 -33.06
C LYS A 144 -11.32 36.07 -34.23
N ASN A 145 -12.13 35.47 -35.11
CA ASN A 145 -11.72 34.76 -36.35
C ASN A 145 -11.17 33.37 -36.01
N ILE A 146 -11.22 32.95 -34.74
CA ILE A 146 -10.96 31.55 -34.30
C ILE A 146 -12.28 30.79 -34.31
N GLU A 147 -12.43 29.81 -35.21
CA GLU A 147 -13.64 28.96 -35.36
C GLU A 147 -13.87 28.21 -34.04
N ALA A 148 -15.13 28.14 -33.58
CA ALA A 148 -15.54 27.53 -32.28
C ALA A 148 -15.40 26.01 -32.34
N SER A 149 -15.04 25.38 -31.22
CA SER A 149 -14.87 23.92 -31.05
C SER A 149 -16.14 23.30 -30.44
N GLN A 150 -16.36 22.01 -30.68
CA GLN A 150 -17.50 21.24 -30.13
C GLN A 150 -17.26 20.97 -28.65
N ASN A 151 -18.33 20.83 -27.86
CA ASN A 151 -18.28 20.42 -26.44
C ASN A 151 -17.97 18.91 -26.39
N LEU A 152 -17.21 18.46 -25.39
CA LEU A 152 -16.79 17.05 -25.21
C LEU A 152 -17.18 16.58 -23.81
N VAL A 153 -17.97 15.52 -23.73
CA VAL A 153 -18.33 14.81 -22.47
C VAL A 153 -17.46 13.57 -22.36
N VAL A 154 -16.55 13.53 -21.38
CA VAL A 154 -15.56 12.44 -21.18
C VAL A 154 -15.95 11.64 -19.94
N VAL A 155 -16.04 10.33 -20.08
CA VAL A 155 -16.37 9.37 -18.98
C VAL A 155 -15.06 8.73 -18.49
N MET A 156 -14.84 8.73 -17.17
CA MET A 156 -13.67 8.08 -16.54
C MET A 156 -13.94 6.57 -16.47
N SER A 157 -13.80 5.90 -17.62
CA SER A 157 -14.15 4.48 -17.86
C SER A 157 -13.24 3.54 -17.04
N SER A 158 -13.51 2.25 -17.08
CA SER A 158 -12.80 1.18 -16.32
C SER A 158 -11.28 1.32 -16.48
N ASN A 159 -10.79 1.48 -17.71
CA ASN A 159 -9.34 1.57 -18.06
C ASN A 159 -8.70 2.70 -17.24
N LEU A 160 -9.38 3.83 -17.11
CA LEU A 160 -8.90 5.04 -16.40
C LEU A 160 -9.02 4.84 -14.89
N GLN A 161 -10.09 4.19 -14.41
CA GLN A 161 -10.30 3.85 -12.99
C GLN A 161 -9.17 2.93 -12.50
N HIS A 162 -8.58 2.15 -13.41
CA HIS A 162 -7.56 1.10 -13.12
C HIS A 162 -6.15 1.67 -13.15
N GLY A 163 -5.98 2.91 -13.63
CA GLY A 163 -4.72 3.67 -13.57
C GLY A 163 -3.73 3.29 -14.66
N ASN A 164 -4.24 3.00 -15.87
CA ASN A 164 -3.43 2.60 -17.05
C ASN A 164 -3.00 3.86 -17.82
N GLN A 165 -3.77 4.95 -17.73
CA GLN A 165 -3.48 6.25 -18.37
C GLN A 165 -3.30 7.33 -17.30
N SER A 166 -2.13 7.98 -17.28
CA SER A 166 -1.84 9.17 -16.43
C SER A 166 -2.34 10.44 -17.11
N ARG A 167 -2.45 10.43 -18.44
CA ARG A 167 -2.88 11.59 -19.26
C ARG A 167 -3.88 11.13 -20.35
N ILE A 168 -4.96 11.90 -20.53
CA ILE A 168 -5.92 11.78 -21.67
C ILE A 168 -5.68 12.97 -22.61
N ASP A 169 -5.43 12.70 -23.89
CA ASP A 169 -5.18 13.73 -24.94
C ASP A 169 -6.42 13.87 -25.81
N LEU A 170 -7.14 14.98 -25.69
CA LEU A 170 -8.41 15.28 -26.42
C LEU A 170 -8.13 16.20 -27.60
N PHE A 171 -8.73 15.89 -28.77
CA PHE A 171 -8.61 16.65 -30.03
C PHE A 171 -10.01 17.01 -30.54
N PRO A 172 -10.69 18.02 -29.94
CA PRO A 172 -12.05 18.38 -30.34
C PRO A 172 -12.15 18.86 -31.80
N LYS A 173 -13.23 18.47 -32.50
CA LYS A 173 -13.53 18.86 -33.91
C LYS A 173 -14.21 20.24 -33.89
N ASN A 174 -14.75 20.66 -35.04
CA ASN A 174 -15.55 21.91 -35.22
C ASN A 174 -14.65 23.12 -34.97
N ALA B 23 45.91 -45.35 2.70
CA ALA B 23 45.00 -45.97 3.73
C ALA B 23 45.20 -47.49 3.77
N THR B 24 45.68 -48.03 4.89
CA THR B 24 45.84 -49.48 5.16
C THR B 24 44.55 -50.04 5.78
N VAL B 25 43.59 -49.15 6.10
CA VAL B 25 42.22 -49.50 6.57
C VAL B 25 41.22 -48.59 5.86
N PRO B 26 40.05 -49.10 5.41
CA PRO B 26 39.08 -48.28 4.68
C PRO B 26 38.68 -47.01 5.46
N THR B 27 39.04 -45.83 4.96
CA THR B 27 38.90 -44.53 5.66
C THR B 27 37.95 -43.59 4.91
N THR B 28 37.83 -43.70 3.59
CA THR B 28 36.99 -42.82 2.73
C THR B 28 36.25 -43.62 1.66
N VAL B 29 35.18 -43.03 1.12
CA VAL B 29 34.39 -43.59 -0.02
C VAL B 29 34.10 -42.46 -1.02
N ASP B 30 33.87 -42.82 -2.28
CA ASP B 30 33.42 -41.89 -3.35
C ASP B 30 31.90 -42.02 -3.49
N VAL B 31 31.20 -40.89 -3.60
CA VAL B 31 29.73 -40.83 -3.83
C VAL B 31 29.50 -40.06 -5.13
N VAL B 32 28.90 -40.71 -6.12
CA VAL B 32 28.46 -40.09 -7.40
C VAL B 32 26.92 -40.05 -7.38
N LEU B 33 26.34 -38.84 -7.39
CA LEU B 33 24.88 -38.61 -7.57
C LEU B 33 24.60 -38.50 -9.07
N HIS B 34 23.61 -39.24 -9.57
CA HIS B 34 23.14 -39.22 -10.99
C HIS B 34 21.81 -38.49 -11.10
N LYS B 35 21.81 -37.30 -11.73
CA LYS B 35 20.60 -36.53 -12.08
C LYS B 35 20.21 -36.86 -13.52
N LEU B 36 19.24 -37.77 -13.68
CA LEU B 36 18.58 -38.15 -14.96
C LEU B 36 17.20 -37.48 -15.07
N LEU B 37 16.52 -37.63 -16.21
CA LEU B 37 15.14 -37.09 -16.42
C LEU B 37 14.08 -38.19 -16.20
N PHE B 38 12.89 -37.78 -15.77
CA PHE B 38 11.80 -38.61 -15.18
C PHE B 38 11.89 -40.05 -15.69
N ASP B 60 18.15 -42.36 -17.94
CA ASP B 60 18.15 -42.53 -19.41
C ASP B 60 18.30 -41.17 -20.12
N VAL B 61 18.33 -40.05 -19.39
CA VAL B 61 18.55 -38.68 -19.96
C VAL B 61 19.33 -37.83 -18.95
N PRO B 62 20.64 -37.58 -19.17
CA PRO B 62 21.46 -36.86 -18.19
C PRO B 62 21.19 -35.36 -18.15
N LEU B 63 21.21 -34.78 -16.94
CA LEU B 63 20.97 -33.33 -16.67
C LEU B 63 22.23 -32.73 -16.04
N ASN B 64 23.07 -32.08 -16.86
CA ASN B 64 24.35 -31.45 -16.45
C ASN B 64 24.11 -29.99 -16.09
N GLY B 65 24.90 -29.45 -15.15
CA GLY B 65 24.81 -28.05 -14.69
C GLY B 65 23.93 -27.89 -13.46
N VAL B 66 23.64 -28.98 -12.75
CA VAL B 66 22.77 -29.01 -11.53
C VAL B 66 23.68 -29.14 -10.29
N THR B 67 23.61 -28.17 -9.38
CA THR B 67 24.48 -28.05 -8.18
C THR B 67 23.87 -28.88 -7.04
N PHE B 68 24.54 -29.96 -6.65
CA PHE B 68 24.29 -30.75 -5.42
C PHE B 68 25.31 -30.33 -4.36
N THR B 69 24.85 -30.14 -3.12
CA THR B 69 25.64 -29.77 -1.93
C THR B 69 25.53 -30.93 -0.92
N VAL B 70 26.66 -31.35 -0.35
CA VAL B 70 26.75 -32.47 0.64
C VAL B 70 27.08 -31.86 2.02
N TYR B 71 26.31 -32.23 3.04
CA TYR B 71 26.46 -31.77 4.45
C TYR B 71 26.73 -32.97 5.35
N ASP B 72 27.58 -32.79 6.38
CA ASP B 72 27.81 -33.74 7.49
C ASP B 72 26.66 -33.58 8.49
N VAL B 73 25.82 -34.62 8.66
CA VAL B 73 24.67 -34.62 9.61
C VAL B 73 24.86 -35.71 10.68
N THR B 74 26.11 -36.18 10.88
CA THR B 74 26.47 -37.35 11.72
C THR B 74 25.94 -37.18 13.16
N ALA B 75 26.25 -36.06 13.81
CA ALA B 75 25.94 -35.80 15.23
C ALA B 75 24.42 -35.71 15.44
N ASP B 76 23.74 -34.91 14.61
CA ASP B 76 22.27 -34.73 14.65
C ASP B 76 21.59 -36.07 14.36
N PHE B 77 22.11 -36.82 13.38
CA PHE B 77 21.53 -38.12 12.93
C PHE B 77 21.50 -39.10 14.11
N TRP B 78 22.66 -39.33 14.77
CA TRP B 78 22.77 -40.34 15.85
C TRP B 78 22.05 -39.87 17.12
N GLN B 79 21.92 -38.56 17.29
CA GLN B 79 21.16 -37.93 18.41
C GLN B 79 19.66 -38.22 18.22
N LEU B 80 19.19 -38.17 16.98
CA LEU B 80 17.77 -38.41 16.59
C LEU B 80 17.45 -39.91 16.74
N VAL B 81 18.35 -40.77 16.25
CA VAL B 81 18.19 -42.26 16.31
C VAL B 81 18.20 -42.73 17.77
N SER B 82 19.06 -42.14 18.61
CA SER B 82 19.19 -42.46 20.05
C SER B 82 17.94 -42.01 20.81
N LYS B 83 17.32 -40.91 20.38
CA LYS B 83 16.08 -40.35 20.98
C LYS B 83 14.87 -41.22 20.63
N ASN B 84 14.78 -41.69 19.37
CA ASN B 84 13.55 -42.33 18.81
C ASN B 84 13.57 -43.84 19.08
N GLY B 85 14.72 -44.41 19.45
CA GLY B 85 14.85 -45.82 19.87
C GLY B 85 15.29 -46.73 18.73
N GLY B 86 16.15 -46.24 17.84
CA GLY B 86 16.87 -47.04 16.83
C GLY B 86 16.14 -47.10 15.49
N ALA B 87 15.25 -46.14 15.22
CA ALA B 87 14.49 -46.04 13.95
C ALA B 87 15.33 -45.27 12.93
N ILE B 88 16.10 -45.99 12.10
CA ILE B 88 17.10 -45.43 11.14
C ILE B 88 16.36 -44.71 10.00
N GLU B 89 15.38 -45.38 9.39
CA GLU B 89 14.55 -44.85 8.26
C GLU B 89 13.87 -43.55 8.69
N VAL B 90 13.28 -43.53 9.89
CA VAL B 90 12.53 -42.37 10.47
C VAL B 90 13.48 -41.16 10.54
N ALA B 91 14.73 -41.38 10.96
CA ALA B 91 15.77 -40.34 11.12
C ALA B 91 16.29 -39.88 9.75
N GLN B 92 16.39 -40.80 8.79
CA GLN B 92 16.74 -40.48 7.37
C GLN B 92 15.68 -39.55 6.79
N THR B 93 14.41 -39.84 7.04
CA THR B 93 13.23 -39.07 6.53
C THR B 93 13.17 -37.70 7.21
N THR B 94 13.43 -37.63 8.51
CA THR B 94 13.39 -36.39 9.32
C THR B 94 14.48 -35.42 8.83
N LEU B 95 15.71 -35.92 8.62
CA LEU B 95 16.87 -35.09 8.19
C LEU B 95 16.80 -34.80 6.68
N SER B 96 15.92 -35.48 5.94
CA SER B 96 15.68 -35.27 4.49
C SER B 96 14.66 -34.15 4.27
N GLN B 97 13.99 -33.68 5.33
CA GLN B 97 12.93 -32.64 5.26
C GLN B 97 13.58 -31.27 4.98
N ASP B 98 12.84 -30.38 4.32
CA ASP B 98 13.26 -28.99 4.01
C ASP B 98 13.21 -28.14 5.28
N SER B 99 12.52 -28.63 6.33
CA SER B 99 12.51 -28.03 7.69
C SER B 99 13.94 -27.98 8.24
N TYR B 100 14.61 -29.13 8.30
CA TYR B 100 15.96 -29.32 8.90
C TYR B 100 16.96 -28.32 8.28
N GLN B 101 17.47 -27.40 9.10
CA GLN B 101 18.54 -26.43 8.76
C GLN B 101 19.86 -26.94 9.32
N PRO B 102 20.76 -27.50 8.49
CA PRO B 102 22.04 -28.04 8.97
C PRO B 102 22.92 -26.97 9.62
N ALA B 103 23.75 -27.39 10.58
CA ALA B 103 24.82 -26.57 11.20
C ALA B 103 25.64 -25.92 10.08
N SER B 104 25.88 -24.61 10.18
CA SER B 104 26.55 -23.77 9.14
C SER B 104 27.93 -24.33 8.80
N SER B 105 28.58 -25.01 9.77
CA SER B 105 29.96 -25.56 9.68
C SER B 105 29.95 -26.97 9.05
N SER B 106 28.78 -27.46 8.61
CA SER B 106 28.58 -28.88 8.19
C SER B 106 28.76 -29.06 6.68
N LEU B 107 28.64 -27.98 5.89
CA LEU B 107 28.80 -27.99 4.41
C LEU B 107 30.22 -28.45 4.07
N ILE B 108 30.35 -29.56 3.34
CA ILE B 108 31.66 -30.19 2.98
C ILE B 108 32.08 -29.73 1.59
N ALA B 109 31.22 -29.96 0.59
CA ALA B 109 31.53 -29.74 -0.85
C ALA B 109 30.27 -29.38 -1.63
N GLN B 110 30.41 -28.55 -2.67
CA GLN B 110 29.36 -28.15 -3.64
C GLN B 110 29.85 -28.52 -5.04
N VAL B 111 29.11 -29.38 -5.75
CA VAL B 111 29.57 -30.05 -7.00
C VAL B 111 28.45 -29.99 -8.05
N VAL B 112 28.82 -29.66 -9.30
CA VAL B 112 27.89 -29.50 -10.46
C VAL B 112 27.87 -30.82 -11.24
N THR B 113 26.71 -31.20 -11.81
CA THR B 113 26.53 -32.40 -12.66
C THR B 113 27.22 -32.18 -14.00
N ALA B 114 28.05 -33.14 -14.44
CA ALA B 114 28.75 -33.16 -15.74
C ALA B 114 28.77 -34.58 -16.31
N GLY B 115 29.24 -34.74 -17.54
CA GLY B 115 29.29 -36.03 -18.27
C GLY B 115 27.91 -36.64 -18.44
N GLN B 116 27.64 -37.73 -17.72
CA GLN B 116 26.34 -38.47 -17.73
C GLN B 116 25.50 -38.05 -16.51
N GLY B 117 25.24 -36.75 -16.36
CA GLY B 117 24.47 -36.17 -15.24
C GLY B 117 25.04 -36.58 -13.90
N GLU B 118 26.38 -36.67 -13.80
CA GLU B 118 27.11 -37.17 -12.60
C GLU B 118 27.64 -36.00 -11.77
N ALA B 119 27.40 -36.03 -10.46
CA ALA B 119 28.00 -35.13 -9.44
C ALA B 119 28.92 -35.96 -8.55
N TYR B 120 30.24 -35.81 -8.72
CA TYR B 120 31.29 -36.64 -8.08
C TYR B 120 31.72 -36.00 -6.75
N PHE B 121 31.59 -36.77 -5.66
CA PHE B 121 32.07 -36.41 -4.30
C PHE B 121 33.10 -37.45 -3.85
N GLY B 122 34.38 -37.17 -4.10
CA GLY B 122 35.49 -38.08 -3.79
C GLY B 122 36.01 -37.88 -2.39
N ASP B 123 36.48 -38.97 -1.77
CA ASP B 123 37.13 -38.98 -0.42
C ASP B 123 36.19 -38.37 0.62
N LEU B 124 34.92 -38.79 0.66
CA LEU B 124 34.01 -38.56 1.82
C LEU B 124 34.45 -39.51 2.94
N PRO B 125 34.86 -38.99 4.12
CA PRO B 125 35.15 -39.83 5.28
C PRO B 125 34.02 -40.80 5.66
N LEU B 126 34.39 -42.04 5.99
CA LEU B 126 33.46 -43.09 6.49
C LEU B 126 33.07 -42.78 7.93
N ARG B 127 33.93 -42.07 8.67
CA ARG B 127 33.73 -41.73 10.11
C ARG B 127 33.89 -40.23 10.32
N GLN B 128 33.06 -39.63 11.19
CA GLN B 128 33.21 -38.25 11.71
C GLN B 128 33.38 -38.34 13.22
N GLY B 129 34.63 -38.44 13.69
CA GLY B 129 34.97 -38.79 15.08
C GLY B 129 35.06 -40.29 15.24
N GLN B 130 34.36 -40.85 16.24
CA GLN B 130 34.31 -42.31 16.51
C GLN B 130 33.11 -42.94 15.79
N HIS B 131 32.22 -42.11 15.21
CA HIS B 131 30.91 -42.52 14.66
C HIS B 131 31.00 -42.71 13.14
N ALA B 132 30.27 -43.70 12.63
CA ALA B 132 29.94 -43.88 11.20
C ALA B 132 29.43 -42.52 10.68
N ALA B 133 29.93 -42.07 9.53
CA ALA B 133 29.54 -40.77 8.94
C ALA B 133 28.12 -40.87 8.38
N VAL B 134 27.39 -39.75 8.37
CA VAL B 134 26.05 -39.62 7.72
C VAL B 134 26.03 -38.29 6.99
N TYR B 135 25.63 -38.31 5.70
CA TYR B 135 25.69 -37.16 4.77
C TYR B 135 24.29 -36.87 4.22
N LEU B 136 23.94 -35.59 4.13
CA LEU B 136 22.71 -35.06 3.48
C LEU B 136 23.10 -34.49 2.11
N PHE B 137 22.41 -34.92 1.05
CA PHE B 137 22.66 -34.50 -0.35
C PHE B 137 21.45 -33.71 -0.87
N LYS B 138 21.60 -32.39 -1.01
CA LYS B 138 20.53 -31.47 -1.48
C LYS B 138 20.91 -30.89 -2.86
N GLU B 139 19.92 -30.68 -3.72
CA GLU B 139 20.02 -29.87 -4.96
C GLU B 139 19.77 -28.41 -4.60
N THR B 140 20.82 -27.58 -4.66
CA THR B 140 20.81 -26.17 -4.16
C THR B 140 20.78 -25.18 -5.34
N ALA B 141 20.94 -25.65 -6.58
CA ALA B 141 20.87 -24.81 -7.80
C ALA B 141 20.65 -25.69 -9.03
N ALA B 142 19.84 -25.20 -9.97
CA ALA B 142 19.51 -25.87 -11.25
C ALA B 142 19.12 -24.80 -12.27
N PRO B 143 19.44 -25.00 -13.57
CA PRO B 143 18.84 -24.22 -14.64
C PRO B 143 17.31 -24.21 -14.52
N LYS B 144 16.65 -23.21 -15.11
CA LYS B 144 15.17 -23.06 -15.07
C LYS B 144 14.54 -24.20 -15.88
N ASN B 145 13.36 -24.66 -15.43
CA ASN B 145 12.52 -25.71 -16.08
C ASN B 145 13.10 -27.11 -15.80
N ILE B 146 14.15 -27.21 -14.98
CA ILE B 146 14.68 -28.50 -14.42
C ILE B 146 13.95 -28.78 -13.10
N GLU B 147 13.11 -29.82 -13.07
CA GLU B 147 12.35 -30.26 -11.88
C GLU B 147 13.34 -30.60 -10.75
N ALA B 148 13.02 -30.18 -9.53
CA ALA B 148 13.88 -30.32 -8.32
C ALA B 148 13.91 -31.78 -7.87
N SER B 149 15.05 -32.22 -7.33
CA SER B 149 15.31 -33.59 -6.80
C SER B 149 15.09 -33.61 -5.28
N GLN B 150 14.77 -34.79 -4.73
CA GLN B 150 14.57 -35.01 -3.28
C GLN B 150 15.92 -34.99 -2.57
N ASN B 151 15.95 -34.61 -1.30
CA ASN B 151 17.15 -34.67 -0.43
C ASN B 151 17.39 -36.13 -0.05
N LEU B 152 18.66 -36.54 0.07
CA LEU B 152 19.07 -37.93 0.40
C LEU B 152 20.00 -37.90 1.61
N VAL B 153 19.63 -38.62 2.67
CA VAL B 153 20.48 -38.84 3.89
C VAL B 153 21.09 -40.23 3.77
N VAL B 154 22.41 -40.31 3.61
CA VAL B 154 23.17 -41.57 3.39
C VAL B 154 23.96 -41.89 4.65
N VAL B 155 23.80 -43.11 5.16
CA VAL B 155 24.52 -43.62 6.36
C VAL B 155 25.68 -44.50 5.88
N MET B 156 26.88 -44.26 6.39
CA MET B 156 28.08 -45.08 6.10
C MET B 156 28.00 -46.36 6.94
N SER B 157 27.13 -47.29 6.52
CA SER B 157 26.74 -48.53 7.24
C SER B 157 27.93 -49.48 7.36
N SER B 158 27.75 -50.60 8.06
CA SER B 158 28.77 -51.67 8.31
C SER B 158 29.49 -52.05 7.02
N ASN B 159 28.74 -52.32 5.94
CA ASN B 159 29.26 -52.78 4.62
C ASN B 159 30.30 -51.78 4.10
N LEU B 160 30.03 -50.48 4.26
CA LEU B 160 30.89 -49.37 3.78
C LEU B 160 32.09 -49.19 4.73
N GLN B 161 31.87 -49.33 6.04
CA GLN B 161 32.94 -49.26 7.08
C GLN B 161 33.96 -50.39 6.84
N HIS B 162 33.54 -51.49 6.21
CA HIS B 162 34.34 -52.72 5.99
C HIS B 162 35.11 -52.65 4.67
N GLY B 163 34.79 -51.68 3.81
CA GLY B 163 35.55 -51.37 2.58
C GLY B 163 35.19 -52.27 1.42
N ASN B 164 33.91 -52.65 1.31
CA ASN B 164 33.38 -53.55 0.24
C ASN B 164 32.99 -52.70 -0.99
N GLN B 165 32.62 -51.43 -0.77
CA GLN B 165 32.25 -50.47 -1.85
C GLN B 165 33.23 -49.29 -1.84
N SER B 166 33.92 -49.06 -2.96
CA SER B 166 34.82 -47.90 -3.20
C SER B 166 33.99 -46.71 -3.71
N ARG B 167 32.84 -46.98 -4.31
CA ARG B 167 31.91 -45.96 -4.86
C ARG B 167 30.47 -46.31 -4.51
N ILE B 168 29.68 -45.31 -4.08
CA ILE B 168 28.20 -45.38 -3.91
C ILE B 168 27.55 -44.57 -5.03
N ASP B 169 26.65 -45.19 -5.80
CA ASP B 169 25.93 -44.57 -6.94
C ASP B 169 24.49 -44.27 -6.51
N LEU B 170 24.17 -42.98 -6.34
CA LEU B 170 22.85 -42.48 -5.88
C LEU B 170 22.03 -41.99 -7.07
N PHE B 171 20.74 -42.36 -7.11
CA PHE B 171 19.75 -42.00 -8.16
C PHE B 171 18.54 -41.34 -7.51
N PRO B 172 18.63 -40.06 -7.09
CA PRO B 172 17.51 -39.39 -6.40
C PRO B 172 16.25 -39.25 -7.27
N LYS B 173 15.08 -39.44 -6.68
CA LYS B 173 13.75 -39.31 -7.32
C LYS B 173 13.35 -37.82 -7.36
N ASN B 174 12.10 -37.52 -7.74
CA ASN B 174 11.49 -36.17 -7.69
C ASN B 174 12.20 -35.27 -8.71
N ALA C 23 0.17 -7.07 4.52
CA ALA C 23 -0.42 -7.05 3.14
C ALA C 23 -1.37 -5.86 2.98
N THR C 24 -1.01 -4.88 2.14
CA THR C 24 -1.84 -3.69 1.79
C THR C 24 -2.71 -4.03 0.56
N VAL C 25 -2.52 -5.21 -0.03
CA VAL C 25 -3.41 -5.82 -1.07
C VAL C 25 -3.66 -7.29 -0.69
N PRO C 26 -4.90 -7.80 -0.82
CA PRO C 26 -5.23 -9.14 -0.35
C PRO C 26 -4.32 -10.22 -0.96
N THR C 27 -3.49 -10.87 -0.14
CA THR C 27 -2.41 -11.80 -0.59
C THR C 27 -2.66 -13.23 -0.12
N THR C 28 -3.33 -13.43 1.03
CA THR C 28 -3.55 -14.77 1.64
C THR C 28 -4.97 -14.87 2.20
N VAL C 29 -5.43 -16.11 2.42
CA VAL C 29 -6.72 -16.43 3.09
C VAL C 29 -6.48 -17.57 4.09
N ASP C 30 -7.33 -17.64 5.12
CA ASP C 30 -7.36 -18.77 6.09
C ASP C 30 -8.46 -19.73 5.67
N VAL C 31 -8.17 -21.03 5.69
CA VAL C 31 -9.14 -22.13 5.39
C VAL C 31 -9.23 -23.02 6.63
N VAL C 32 -10.43 -23.10 7.22
CA VAL C 32 -10.76 -24.04 8.33
C VAL C 32 -11.69 -25.12 7.77
N LEU C 33 -11.23 -26.37 7.75
CA LEU C 33 -12.06 -27.56 7.43
C LEU C 33 -12.71 -28.07 8.72
N HIS C 34 -14.03 -28.29 8.71
CA HIS C 34 -14.83 -28.82 9.85
C HIS C 34 -15.21 -30.28 9.59
N LYS C 35 -14.65 -31.21 10.35
CA LYS C 35 -15.04 -32.66 10.35
C LYS C 35 -16.04 -32.90 11.48
N LEU C 36 -17.33 -32.88 11.15
CA LEU C 36 -18.47 -33.15 12.07
C LEU C 36 -19.07 -34.52 11.73
N LEU C 37 -20.03 -35.00 12.53
CA LEU C 37 -20.86 -36.21 12.26
C LEU C 37 -22.25 -35.77 11.74
N ASP C 60 -23.20 -31.91 13.60
CA ASP C 60 -23.23 -31.11 14.86
C ASP C 60 -22.50 -31.87 15.98
N VAL C 61 -21.46 -32.63 15.60
CA VAL C 61 -20.67 -33.52 16.51
C VAL C 61 -19.21 -33.56 16.03
N PRO C 62 -18.27 -32.88 16.75
CA PRO C 62 -16.92 -32.70 16.26
C PRO C 62 -16.05 -33.96 16.35
N LEU C 63 -15.20 -34.19 15.33
CA LEU C 63 -14.28 -35.35 15.22
C LEU C 63 -12.84 -34.83 15.18
N ASN C 64 -12.16 -34.84 16.33
CA ASN C 64 -10.77 -34.35 16.52
C ASN C 64 -9.80 -35.52 16.32
N GLY C 65 -8.58 -35.22 15.84
CA GLY C 65 -7.50 -36.21 15.62
C GLY C 65 -7.50 -36.75 14.20
N VAL C 66 -8.17 -36.06 13.25
CA VAL C 66 -8.28 -36.46 11.82
C VAL C 66 -7.34 -35.55 10.99
N THR C 67 -6.38 -36.16 10.29
CA THR C 67 -5.32 -35.47 9.52
C THR C 67 -5.84 -35.12 8.12
N PHE C 68 -6.02 -33.83 7.84
CA PHE C 68 -6.27 -33.27 6.49
C PHE C 68 -4.96 -32.70 5.95
N THR C 69 -4.67 -32.98 4.68
CA THR C 69 -3.48 -32.51 3.92
C THR C 69 -3.97 -31.62 2.77
N VAL C 70 -3.35 -30.45 2.60
CA VAL C 70 -3.69 -29.46 1.54
C VAL C 70 -2.56 -29.46 0.49
N TYR C 71 -2.92 -29.57 -0.79
CA TYR C 71 -2.00 -29.61 -1.96
C TYR C 71 -2.31 -28.43 -2.89
N ASP C 72 -1.27 -27.85 -3.49
CA ASP C 72 -1.37 -26.85 -4.58
C ASP C 72 -1.61 -27.61 -5.89
N VAL C 73 -2.78 -27.42 -6.51
CA VAL C 73 -3.17 -28.07 -7.81
C VAL C 73 -3.39 -27.00 -8.88
N THR C 74 -2.85 -25.79 -8.69
CA THR C 74 -3.10 -24.58 -9.53
C THR C 74 -2.79 -24.86 -11.01
N ALA C 75 -1.58 -25.35 -11.30
CA ALA C 75 -1.07 -25.55 -12.68
C ALA C 75 -1.89 -26.63 -13.39
N ASP C 76 -2.09 -27.79 -12.74
CA ASP C 76 -2.88 -28.92 -13.29
C ASP C 76 -4.33 -28.47 -13.49
N PHE C 77 -4.88 -27.72 -12.53
CA PHE C 77 -6.29 -27.24 -12.55
C PHE C 77 -6.53 -26.39 -13.80
N TRP C 78 -5.73 -25.35 -14.03
CA TRP C 78 -5.93 -24.38 -15.15
C TRP C 78 -5.59 -25.04 -16.49
N GLN C 79 -4.72 -26.05 -16.48
CA GLN C 79 -4.34 -26.84 -17.67
C GLN C 79 -5.55 -27.68 -18.09
N LEU C 80 -6.29 -28.25 -17.11
CA LEU C 80 -7.49 -29.10 -17.33
C LEU C 80 -8.64 -28.23 -17.84
N VAL C 81 -8.86 -27.06 -17.21
CA VAL C 81 -9.95 -26.10 -17.56
C VAL C 81 -9.72 -25.55 -18.96
N SER C 82 -8.46 -25.25 -19.32
CA SER C 82 -8.06 -24.72 -20.65
C SER C 82 -8.26 -25.79 -21.73
N LYS C 83 -8.05 -27.06 -21.38
CA LYS C 83 -8.21 -28.23 -22.29
C LYS C 83 -9.70 -28.50 -22.55
N ASN C 84 -10.55 -28.41 -21.52
CA ASN C 84 -11.96 -28.88 -21.56
C ASN C 84 -12.88 -27.77 -22.06
N GLY C 85 -12.41 -26.51 -22.07
CA GLY C 85 -13.14 -25.36 -22.64
C GLY C 85 -13.93 -24.58 -21.59
N GLY C 86 -13.38 -24.46 -20.37
CA GLY C 86 -13.87 -23.56 -19.32
C GLY C 86 -14.87 -24.21 -18.38
N ALA C 87 -14.86 -25.55 -18.28
CA ALA C 87 -15.73 -26.33 -17.37
C ALA C 87 -15.05 -26.43 -16.01
N ILE C 88 -15.36 -25.51 -15.09
CA ILE C 88 -14.71 -25.35 -13.76
C ILE C 88 -15.11 -26.53 -12.86
N GLU C 89 -16.42 -26.80 -12.76
CA GLU C 89 -17.00 -27.91 -11.93
C GLU C 89 -16.39 -29.25 -12.36
N VAL C 90 -16.29 -29.50 -13.67
CA VAL C 90 -15.76 -30.76 -14.26
C VAL C 90 -14.31 -30.96 -13.78
N ALA C 91 -13.52 -29.88 -13.74
CA ALA C 91 -12.09 -29.88 -13.35
C ALA C 91 -11.97 -30.06 -11.83
N GLN C 92 -12.89 -29.47 -11.06
CA GLN C 92 -12.98 -29.64 -9.59
C GLN C 92 -13.23 -31.12 -9.27
N THR C 93 -14.15 -31.75 -10.02
CA THR C 93 -14.56 -33.17 -9.83
C THR C 93 -13.41 -34.11 -10.24
N THR C 94 -12.70 -33.80 -11.34
CA THR C 94 -11.58 -34.61 -11.88
C THR C 94 -10.43 -34.61 -10.87
N LEU C 95 -10.07 -33.44 -10.33
CA LEU C 95 -8.93 -33.29 -9.38
C LEU C 95 -9.34 -33.75 -7.97
N SER C 96 -10.63 -33.97 -7.72
CA SER C 96 -11.19 -34.48 -6.44
C SER C 96 -11.15 -36.02 -6.41
N GLN C 97 -10.87 -36.66 -7.54
CA GLN C 97 -10.85 -38.14 -7.67
C GLN C 97 -9.64 -38.71 -6.93
N ASP C 98 -9.75 -39.95 -6.45
CA ASP C 98 -8.66 -40.70 -5.76
C ASP C 98 -7.63 -41.17 -6.79
N SER C 99 -7.99 -41.14 -8.08
CA SER C 99 -7.08 -41.41 -9.23
C SER C 99 -5.94 -40.39 -9.23
N TYR C 100 -6.27 -39.10 -9.23
CA TYR C 100 -5.33 -37.96 -9.34
C TYR C 100 -4.26 -38.06 -8.26
N GLN C 101 -3.00 -38.26 -8.66
CA GLN C 101 -1.80 -38.27 -7.78
C GLN C 101 -1.09 -36.93 -7.93
N PRO C 102 -1.21 -36.00 -6.96
CA PRO C 102 -0.58 -34.69 -7.05
C PRO C 102 0.95 -34.78 -7.12
N ALA C 103 1.59 -33.80 -7.78
CA ALA C 103 3.05 -33.60 -7.79
C ALA C 103 3.56 -33.61 -6.35
N SER C 104 4.61 -34.39 -6.06
CA SER C 104 5.18 -34.61 -4.71
C SER C 104 5.56 -33.28 -4.06
N SER C 105 5.90 -32.26 -4.86
CA SER C 105 6.37 -30.91 -4.45
C SER C 105 5.18 -29.97 -4.18
N SER C 106 3.94 -30.47 -4.27
CA SER C 106 2.69 -29.66 -4.18
C SER C 106 2.15 -29.63 -2.75
N LEU C 107 2.53 -30.59 -1.90
CA LEU C 107 2.06 -30.69 -0.48
C LEU C 107 2.52 -29.43 0.28
N ILE C 108 1.57 -28.66 0.81
CA ILE C 108 1.82 -27.36 1.51
C ILE C 108 1.89 -27.61 3.02
N ALA C 109 0.83 -28.18 3.60
CA ALA C 109 0.65 -28.34 5.06
C ALA C 109 -0.19 -29.57 5.38
N GLN C 110 0.10 -30.21 6.52
CA GLN C 110 -0.65 -31.37 7.09
C GLN C 110 -1.09 -30.98 8.50
N VAL C 111 -2.41 -30.98 8.76
CA VAL C 111 -3.05 -30.37 9.96
C VAL C 111 -4.09 -31.33 10.53
N VAL C 112 -4.10 -31.50 11.86
CA VAL C 112 -5.00 -32.42 12.62
C VAL C 112 -6.21 -31.62 13.12
N THR C 113 -7.40 -32.24 13.15
CA THR C 113 -8.64 -31.62 13.67
C THR C 113 -8.55 -31.51 15.19
N ALA C 114 -8.84 -30.32 15.74
CA ALA C 114 -8.89 -30.02 17.18
C ALA C 114 -10.05 -29.08 17.49
N GLY C 115 -10.31 -28.82 18.77
CA GLY C 115 -11.42 -27.96 19.25
C GLY C 115 -12.77 -28.50 18.81
N GLN C 116 -13.42 -27.80 17.88
CA GLN C 116 -14.75 -28.15 17.30
C GLN C 116 -14.56 -28.86 15.95
N GLY C 117 -13.79 -29.94 15.92
CA GLY C 117 -13.47 -30.72 14.71
C GLY C 117 -12.89 -29.85 13.61
N GLU C 118 -12.06 -28.86 13.98
CA GLU C 118 -11.51 -27.81 13.07
C GLU C 118 -10.08 -28.17 12.69
N ALA C 119 -9.76 -28.11 11.40
CA ALA C 119 -8.40 -28.19 10.83
C ALA C 119 -8.06 -26.83 10.20
N TYR C 120 -7.18 -26.07 10.86
CA TYR C 120 -6.85 -24.66 10.52
C TYR C 120 -5.66 -24.62 9.56
N PHE C 121 -5.87 -24.01 8.39
CA PHE C 121 -4.82 -23.74 7.37
C PHE C 121 -4.72 -22.23 7.16
N GLY C 122 -3.77 -21.59 7.87
CA GLY C 122 -3.58 -20.13 7.84
C GLY C 122 -2.62 -19.72 6.75
N ASP C 123 -2.83 -18.52 6.19
CA ASP C 123 -1.95 -17.86 5.19
C ASP C 123 -1.74 -18.79 3.97
N LEU C 124 -2.82 -19.34 3.41
CA LEU C 124 -2.80 -19.96 2.07
C LEU C 124 -2.79 -18.83 1.04
N PRO C 125 -1.73 -18.74 0.19
CA PRO C 125 -1.70 -17.75 -0.90
C PRO C 125 -2.94 -17.79 -1.82
N LEU C 126 -3.43 -16.61 -2.18
CA LEU C 126 -4.55 -16.44 -3.15
C LEU C 126 -4.05 -16.70 -4.57
N ARG C 127 -2.76 -16.50 -4.83
CA ARG C 127 -2.10 -16.69 -6.15
C ARG C 127 -0.87 -17.59 -5.99
N GLN C 128 -0.67 -18.51 -6.94
CA GLN C 128 0.51 -19.41 -7.02
C GLN C 128 1.20 -19.14 -8.36
N GLY C 129 2.16 -18.20 -8.35
CA GLY C 129 2.70 -17.55 -9.56
C GLY C 129 1.81 -16.38 -9.97
N GLN C 130 1.41 -16.34 -11.24
CA GLN C 130 0.57 -15.27 -11.83
C GLN C 130 -0.91 -15.65 -11.72
N HIS C 131 -1.21 -16.93 -11.39
CA HIS C 131 -2.58 -17.50 -11.44
C HIS C 131 -3.25 -17.50 -10.07
N ALA C 132 -4.57 -17.31 -10.04
CA ALA C 132 -5.45 -17.60 -8.89
C ALA C 132 -5.12 -19.00 -8.37
N ALA C 133 -4.94 -19.15 -7.05
CA ALA C 133 -4.51 -20.43 -6.44
C ALA C 133 -5.69 -21.41 -6.46
N VAL C 134 -5.41 -22.71 -6.53
CA VAL C 134 -6.40 -23.81 -6.38
C VAL C 134 -5.78 -24.89 -5.49
N TYR C 135 -6.51 -25.32 -4.47
CA TYR C 135 -6.03 -26.23 -3.40
C TYR C 135 -6.93 -27.48 -3.34
N LEU C 136 -6.31 -28.65 -3.18
CA LEU C 136 -6.95 -29.97 -2.95
C LEU C 136 -6.83 -30.32 -1.46
N PHE C 137 -7.95 -30.62 -0.80
CA PHE C 137 -8.02 -30.94 0.65
C PHE C 137 -8.45 -32.41 0.81
N LYS C 138 -7.51 -33.28 1.22
CA LYS C 138 -7.72 -34.73 1.42
C LYS C 138 -7.59 -35.09 2.91
N GLU C 139 -8.38 -36.06 3.37
CA GLU C 139 -8.22 -36.75 4.67
C GLU C 139 -7.23 -37.91 4.47
N THR C 140 -6.02 -37.79 5.02
CA THR C 140 -4.88 -38.73 4.79
C THR C 140 -4.64 -39.63 6.00
N ALA C 141 -5.31 -39.38 7.13
CA ALA C 141 -5.22 -40.19 8.36
C ALA C 141 -6.41 -39.90 9.27
N ALA C 142 -6.92 -40.95 9.92
CA ALA C 142 -8.04 -40.90 10.88
C ALA C 142 -7.92 -42.09 11.83
N PRO C 143 -8.31 -41.93 13.11
CA PRO C 143 -8.54 -43.07 13.99
C PRO C 143 -9.45 -44.11 13.32
N LYS C 144 -9.39 -45.36 13.76
CA LYS C 144 -10.19 -46.47 13.16
C LYS C 144 -11.67 -46.25 13.50
N ASN C 145 -12.56 -46.64 12.58
CA ASN C 145 -14.04 -46.59 12.72
C ASN C 145 -14.55 -45.14 12.52
N ILE C 146 -13.67 -44.21 12.14
CA ILE C 146 -14.03 -42.85 11.64
C ILE C 146 -14.22 -42.92 10.12
N GLU C 147 -15.46 -42.73 9.65
CA GLU C 147 -15.83 -42.73 8.21
C GLU C 147 -15.02 -41.67 7.47
N ALA C 148 -14.50 -42.02 6.29
CA ALA C 148 -13.61 -41.16 5.46
C ALA C 148 -14.43 -40.02 4.84
N SER C 149 -13.80 -38.85 4.67
CA SER C 149 -14.39 -37.63 4.06
C SER C 149 -14.00 -37.52 2.58
N GLN C 150 -14.80 -36.81 1.80
CA GLN C 150 -14.57 -36.56 0.34
C GLN C 150 -13.44 -35.54 0.20
N ASN C 151 -12.69 -35.61 -0.91
CA ASN C 151 -11.65 -34.62 -1.29
C ASN C 151 -12.36 -33.34 -1.77
N LEU C 152 -11.81 -32.17 -1.49
CA LEU C 152 -12.35 -30.85 -1.93
C LEU C 152 -11.26 -30.10 -2.69
N VAL C 153 -11.59 -29.66 -3.91
CA VAL C 153 -10.77 -28.75 -4.75
C VAL C 153 -11.40 -27.37 -4.66
N VAL C 154 -10.68 -26.42 -4.04
CA VAL C 154 -11.16 -25.04 -3.77
C VAL C 154 -10.40 -24.09 -4.69
N VAL C 155 -11.14 -23.26 -5.42
CA VAL C 155 -10.58 -22.22 -6.34
C VAL C 155 -10.64 -20.88 -5.63
N MET C 156 -9.53 -20.14 -5.64
CA MET C 156 -9.44 -18.77 -5.07
C MET C 156 -10.05 -17.82 -6.10
N SER C 157 -11.40 -17.82 -6.18
CA SER C 157 -12.22 -17.11 -7.19
C SER C 157 -12.07 -15.60 -7.02
N SER C 158 -12.70 -14.83 -7.92
CA SER C 158 -12.71 -13.34 -7.95
C SER C 158 -12.99 -12.76 -6.56
N ASN C 159 -14.04 -13.24 -5.89
CA ASN C 159 -14.50 -12.73 -4.57
C ASN C 159 -13.35 -12.80 -3.55
N LEU C 160 -12.59 -13.89 -3.58
CA LEU C 160 -11.46 -14.15 -2.65
C LEU C 160 -10.23 -13.32 -3.07
N GLN C 161 -9.98 -13.19 -4.37
CA GLN C 161 -8.89 -12.35 -4.93
C GLN C 161 -9.10 -10.88 -4.52
N HIS C 162 -10.36 -10.48 -4.28
CA HIS C 162 -10.78 -9.07 -3.99
C HIS C 162 -10.73 -8.78 -2.49
N GLY C 163 -10.57 -9.82 -1.65
CA GLY C 163 -10.32 -9.69 -0.21
C GLY C 163 -11.59 -9.47 0.60
N ASN C 164 -12.69 -10.11 0.20
CA ASN C 164 -14.02 -9.99 0.86
C ASN C 164 -14.13 -11.02 1.99
N GLN C 165 -13.41 -12.15 1.88
CA GLN C 165 -13.39 -13.24 2.90
C GLN C 165 -11.96 -13.40 3.44
N SER C 166 -11.80 -13.24 4.76
CA SER C 166 -10.53 -13.51 5.50
C SER C 166 -10.42 -15.00 5.83
N ARG C 167 -11.57 -15.69 5.94
CA ARG C 167 -11.66 -17.13 6.29
C ARG C 167 -12.68 -17.82 5.37
N ILE C 168 -12.32 -19.01 4.87
CA ILE C 168 -13.24 -19.96 4.16
C ILE C 168 -13.51 -21.13 5.09
N ASP C 169 -14.79 -21.42 5.36
CA ASP C 169 -15.24 -22.53 6.24
C ASP C 169 -15.77 -23.67 5.38
N LEU C 170 -15.03 -24.78 5.33
CA LEU C 170 -15.35 -25.98 4.50
C LEU C 170 -15.98 -27.07 5.39
N PHE C 171 -17.05 -27.70 4.90
CA PHE C 171 -17.81 -28.79 5.57
C PHE C 171 -17.89 -29.99 4.64
N PRO C 172 -16.79 -30.79 4.51
CA PRO C 172 -16.78 -31.95 3.60
C PRO C 172 -17.82 -33.03 3.97
N LYS C 173 -18.47 -33.62 2.96
CA LYS C 173 -19.47 -34.72 3.12
C LYS C 173 -18.73 -36.04 3.25
N ASN C 174 -19.45 -37.18 3.15
CA ASN C 174 -18.89 -38.56 3.10
C ASN C 174 -18.20 -38.88 4.43
N THR D 24 -28.93 62.05 13.69
CA THR D 24 -29.49 63.20 12.92
C THR D 24 -29.22 63.00 11.42
N VAL D 25 -28.40 62.00 11.06
CA VAL D 25 -28.02 61.68 9.66
C VAL D 25 -28.06 60.16 9.48
N PRO D 26 -28.55 59.65 8.32
CA PRO D 26 -28.53 58.21 8.04
C PRO D 26 -27.15 57.59 8.24
N THR D 27 -27.01 56.71 9.24
CA THR D 27 -25.72 56.13 9.70
C THR D 27 -25.68 54.61 9.49
N THR D 28 -26.83 53.92 9.51
CA THR D 28 -26.96 52.45 9.39
C THR D 28 -28.14 52.07 8.50
N VAL D 29 -28.10 50.83 7.99
CA VAL D 29 -29.21 50.22 7.19
C VAL D 29 -29.43 48.78 7.69
N ASP D 30 -30.64 48.27 7.49
CA ASP D 30 -31.00 46.85 7.75
C ASP D 30 -30.91 46.08 6.43
N VAL D 31 -30.30 44.90 6.45
CA VAL D 31 -30.22 43.97 5.28
C VAL D 31 -30.89 42.66 5.68
N VAL D 32 -31.97 42.30 4.97
CA VAL D 32 -32.65 40.98 5.08
C VAL D 32 -32.33 40.18 3.82
N LEU D 33 -31.63 39.05 3.97
CA LEU D 33 -31.41 38.04 2.90
C LEU D 33 -32.58 37.04 2.92
N HIS D 34 -33.19 36.78 1.77
CA HIS D 34 -34.30 35.81 1.58
C HIS D 34 -33.78 34.57 0.86
N LYS D 35 -33.73 33.43 1.56
CA LYS D 35 -33.43 32.09 0.98
C LYS D 35 -34.75 31.39 0.67
N LEU D 36 -35.19 31.48 -0.60
CA LEU D 36 -36.39 30.80 -1.16
C LEU D 36 -35.91 29.67 -2.07
N LEU D 37 -36.82 28.78 -2.50
CA LEU D 37 -36.54 27.68 -3.47
C LEU D 37 -37.14 28.08 -4.83
N ASP D 60 -41.24 31.15 -4.15
CA ASP D 60 -41.45 31.89 -2.87
C ASP D 60 -41.48 30.90 -1.69
N VAL D 61 -40.81 29.75 -1.83
CA VAL D 61 -40.79 28.62 -0.85
C VAL D 61 -39.66 28.83 0.15
N PRO D 62 -39.96 29.22 1.42
CA PRO D 62 -38.93 29.64 2.36
C PRO D 62 -38.10 28.48 2.92
N LEU D 63 -36.79 28.72 3.08
CA LEU D 63 -35.79 27.74 3.60
C LEU D 63 -35.15 28.28 4.88
N ASN D 64 -35.67 27.85 6.04
CA ASN D 64 -35.23 28.28 7.39
C ASN D 64 -34.13 27.33 7.90
N GLY D 65 -33.21 27.84 8.71
CA GLY D 65 -32.10 27.07 9.30
C GLY D 65 -30.83 27.15 8.48
N VAL D 66 -30.73 28.12 7.57
CA VAL D 66 -29.55 28.33 6.65
C VAL D 66 -28.74 29.51 7.18
N THR D 67 -27.47 29.27 7.52
CA THR D 67 -26.55 30.26 8.15
C THR D 67 -25.88 31.11 7.06
N PHE D 68 -26.23 32.40 7.01
CA PHE D 68 -25.53 33.45 6.22
C PHE D 68 -24.61 34.23 7.14
N THR D 69 -23.39 34.50 6.69
CA THR D 69 -22.34 35.28 7.39
C THR D 69 -22.05 36.53 6.56
N VAL D 70 -21.99 37.70 7.21
CA VAL D 70 -21.72 39.02 6.55
C VAL D 70 -20.33 39.48 6.97
N TYR D 71 -19.50 39.88 5.99
CA TYR D 71 -18.10 40.36 6.17
C TYR D 71 -17.99 41.79 5.64
N ASP D 72 -17.19 42.62 6.32
CA ASP D 72 -16.76 43.98 5.85
C ASP D 72 -15.63 43.80 4.85
N VAL D 73 -15.86 44.15 3.58
CA VAL D 73 -14.83 44.06 2.48
C VAL D 73 -14.52 45.45 1.93
N THR D 74 -14.80 46.51 2.69
CA THR D 74 -14.75 47.93 2.26
C THR D 74 -13.37 48.29 1.71
N ALA D 75 -12.30 48.03 2.50
CA ALA D 75 -10.91 48.43 2.19
C ALA D 75 -10.41 47.67 0.95
N ASP D 76 -10.59 46.34 0.92
CA ASP D 76 -10.18 45.48 -0.22
C ASP D 76 -10.98 45.88 -1.46
N PHE D 77 -12.27 46.16 -1.32
CA PHE D 77 -13.18 46.53 -2.44
C PHE D 77 -12.66 47.79 -3.13
N TRP D 78 -12.44 48.88 -2.39
CA TRP D 78 -12.05 50.19 -2.97
C TRP D 78 -10.60 50.15 -3.47
N GLN D 79 -9.77 49.27 -2.90
CA GLN D 79 -8.38 49.02 -3.33
C GLN D 79 -8.40 48.36 -4.72
N LEU D 80 -9.33 47.42 -4.92
CA LEU D 80 -9.51 46.66 -6.19
C LEU D 80 -10.05 47.60 -7.28
N VAL D 81 -11.08 48.39 -6.95
CA VAL D 81 -11.74 49.35 -7.87
C VAL D 81 -10.75 50.44 -8.30
N SER D 82 -9.91 50.93 -7.38
CA SER D 82 -8.88 51.96 -7.64
C SER D 82 -7.77 51.40 -8.54
N LYS D 83 -7.46 50.11 -8.39
CA LYS D 83 -6.43 49.40 -9.20
C LYS D 83 -6.93 49.16 -10.62
N ASN D 84 -8.20 48.79 -10.79
CA ASN D 84 -8.76 48.28 -12.09
C ASN D 84 -9.29 49.45 -12.93
N GLY D 85 -9.49 50.62 -12.33
CA GLY D 85 -9.87 51.86 -13.05
C GLY D 85 -11.36 52.12 -13.02
N GLY D 86 -12.03 51.78 -11.93
CA GLY D 86 -13.43 52.16 -11.64
C GLY D 86 -14.45 51.13 -12.10
N ALA D 87 -14.03 49.88 -12.28
CA ALA D 87 -14.89 48.74 -12.70
C ALA D 87 -15.54 48.13 -11.44
N ILE D 88 -16.75 48.59 -11.10
CA ILE D 88 -17.47 48.24 -9.84
C ILE D 88 -17.94 46.78 -9.92
N GLU D 89 -18.60 46.40 -11.03
CA GLU D 89 -19.13 45.04 -11.28
C GLU D 89 -17.99 44.01 -11.20
N VAL D 90 -16.84 44.32 -11.83
CA VAL D 90 -15.63 43.44 -11.88
C VAL D 90 -15.16 43.15 -10.45
N ALA D 91 -15.17 44.17 -9.59
CA ALA D 91 -14.71 44.10 -8.18
C ALA D 91 -15.75 43.34 -7.33
N GLN D 92 -17.04 43.52 -7.62
CA GLN D 92 -18.15 42.75 -6.97
C GLN D 92 -17.98 41.27 -7.28
N THR D 93 -17.65 40.92 -8.53
CA THR D 93 -17.48 39.53 -9.02
C THR D 93 -16.22 38.91 -8.41
N THR D 94 -15.13 39.67 -8.33
CA THR D 94 -13.82 39.22 -7.78
C THR D 94 -13.97 38.89 -6.30
N LEU D 95 -14.63 39.76 -5.52
CA LEU D 95 -14.81 39.58 -4.05
C LEU D 95 -15.94 38.59 -3.76
N SER D 96 -16.72 38.20 -4.77
CA SER D 96 -17.80 37.17 -4.65
C SER D 96 -17.23 35.76 -4.86
N GLN D 97 -15.98 35.65 -5.31
CA GLN D 97 -15.31 34.35 -5.61
C GLN D 97 -14.99 33.62 -4.30
N ASP D 98 -14.96 32.28 -4.34
CA ASP D 98 -14.60 31.42 -3.19
C ASP D 98 -13.09 31.46 -2.97
N SER D 99 -12.33 31.97 -3.94
CA SER D 99 -10.87 32.26 -3.84
C SER D 99 -10.63 33.26 -2.70
N TYR D 100 -11.29 34.42 -2.75
CA TYR D 100 -11.12 35.56 -1.81
C TYR D 100 -11.32 35.08 -0.37
N GLN D 101 -10.26 35.16 0.44
CA GLN D 101 -10.27 34.86 1.90
C GLN D 101 -10.31 36.19 2.66
N PRO D 102 -11.48 36.60 3.20
CA PRO D 102 -11.58 37.87 3.92
C PRO D 102 -10.67 37.92 5.15
N SER D 106 -12.87 40.77 9.88
CA SER D 106 -13.88 41.43 9.01
C SER D 106 -15.29 40.87 9.27
N LEU D 107 -15.40 39.66 9.83
CA LEU D 107 -16.69 38.98 10.16
C LEU D 107 -17.47 39.85 11.15
N ILE D 108 -18.66 40.30 10.76
CA ILE D 108 -19.53 41.23 11.55
C ILE D 108 -20.56 40.41 12.33
N ALA D 109 -21.36 39.58 11.63
CA ALA D 109 -22.50 38.83 12.20
C ALA D 109 -22.75 37.54 11.43
N GLN D 110 -23.20 36.50 12.14
CA GLN D 110 -23.62 35.18 11.60
C GLN D 110 -25.07 34.95 12.02
N VAL D 111 -25.98 34.79 11.04
CA VAL D 111 -27.46 34.85 11.24
C VAL D 111 -28.12 33.70 10.46
N VAL D 112 -29.07 33.00 11.11
CA VAL D 112 -29.80 31.83 10.57
C VAL D 112 -31.12 32.31 9.97
N THR D 113 -31.58 31.69 8.88
CA THR D 113 -32.88 31.99 8.21
C THR D 113 -34.02 31.50 9.09
N ALA D 114 -35.01 32.36 9.35
CA ALA D 114 -36.25 32.05 10.12
C ALA D 114 -37.44 32.76 9.47
N GLY D 115 -38.65 32.47 9.96
CA GLY D 115 -39.93 33.01 9.43
C GLY D 115 -40.13 32.64 7.97
N GLN D 116 -40.03 33.63 7.07
CA GLN D 116 -40.19 33.47 5.60
C GLN D 116 -38.81 33.38 4.94
N GLY D 117 -37.98 32.42 5.37
CA GLY D 117 -36.61 32.21 4.87
C GLY D 117 -35.77 33.47 4.96
N GLU D 118 -35.96 34.26 6.02
CA GLU D 118 -35.33 35.61 6.21
C GLU D 118 -34.13 35.50 7.15
N ALA D 119 -33.00 36.08 6.76
CA ALA D 119 -31.80 36.29 7.60
C ALA D 119 -31.62 37.79 7.81
N TYR D 120 -31.91 38.27 9.02
CA TYR D 120 -31.98 39.71 9.38
C TYR D 120 -30.61 40.18 9.88
N PHE D 121 -30.06 41.20 9.23
CA PHE D 121 -28.80 41.90 9.62
C PHE D 121 -29.13 43.38 9.90
N GLY D 122 -29.39 43.71 11.15
CA GLY D 122 -29.79 45.06 11.59
C GLY D 122 -28.58 45.92 11.90
N ASP D 123 -28.69 47.23 11.64
CA ASP D 123 -27.68 48.27 11.98
C ASP D 123 -26.32 47.91 11.37
N LEU D 124 -26.29 47.58 10.08
CA LEU D 124 -25.04 47.55 9.27
C LEU D 124 -24.65 48.99 8.98
N PRO D 125 -23.46 49.47 9.43
CA PRO D 125 -22.97 50.80 9.06
C PRO D 125 -22.94 51.08 7.55
N LEU D 126 -23.35 52.29 7.16
CA LEU D 126 -23.30 52.77 5.75
C LEU D 126 -21.85 53.11 5.38
N ARG D 127 -21.03 53.46 6.37
CA ARG D 127 -19.60 53.86 6.19
C ARG D 127 -18.70 53.04 7.11
N GLN D 128 -17.53 52.64 6.60
CA GLN D 128 -16.42 52.02 7.41
C GLN D 128 -15.21 52.95 7.30
N GLY D 129 -15.09 53.89 8.23
CA GLY D 129 -14.16 55.03 8.14
C GLY D 129 -14.80 56.19 7.39
N GLN D 130 -14.11 56.73 6.38
CA GLN D 130 -14.61 57.84 5.53
C GLN D 130 -15.31 57.28 4.28
N HIS D 131 -15.22 55.97 4.07
CA HIS D 131 -15.62 55.27 2.81
C HIS D 131 -17.02 54.67 2.97
N ALA D 132 -17.82 54.72 1.90
CA ALA D 132 -19.07 53.93 1.74
C ALA D 132 -18.75 52.47 2.09
N ALA D 133 -19.58 51.82 2.91
CA ALA D 133 -19.36 50.43 3.36
C ALA D 133 -19.63 49.48 2.19
N VAL D 134 -18.94 48.33 2.17
CA VAL D 134 -19.19 47.22 1.21
C VAL D 134 -19.15 45.91 2.00
N TYR D 135 -20.17 45.06 1.83
CA TYR D 135 -20.40 43.83 2.62
C TYR D 135 -20.46 42.62 1.67
N LEU D 136 -19.82 41.51 2.08
CA LEU D 136 -19.88 40.18 1.41
C LEU D 136 -20.82 39.28 2.22
N PHE D 137 -21.81 38.68 1.57
CA PHE D 137 -22.84 37.80 2.18
C PHE D 137 -22.66 36.38 1.65
N LYS D 138 -22.16 35.47 2.50
CA LYS D 138 -21.90 34.04 2.16
C LYS D 138 -22.85 33.14 2.96
N GLU D 139 -23.28 32.03 2.35
CA GLU D 139 -23.96 30.89 3.01
C GLU D 139 -22.86 29.95 3.53
N THR D 140 -22.67 29.87 4.85
CA THR D 140 -21.55 29.16 5.52
C THR D 140 -22.04 27.86 6.17
N ALA D 141 -23.35 27.61 6.23
CA ALA D 141 -23.94 26.38 6.79
C ALA D 141 -25.39 26.23 6.32
N ALA D 142 -25.80 24.99 6.05
CA ALA D 142 -27.12 24.64 5.47
C ALA D 142 -27.50 23.22 5.87
N PRO D 143 -28.80 22.94 6.10
CA PRO D 143 -29.29 21.56 6.18
C PRO D 143 -28.80 20.75 4.97
N LYS D 144 -28.79 19.42 5.07
CA LYS D 144 -28.59 18.49 3.94
C LYS D 144 -29.75 18.65 2.93
N ASN D 145 -29.45 18.50 1.64
CA ASN D 145 -30.41 18.55 0.50
C ASN D 145 -30.79 20.01 0.18
N ILE D 146 -30.19 20.99 0.86
CA ILE D 146 -30.35 22.44 0.55
C ILE D 146 -29.25 22.85 -0.42
N GLU D 147 -29.62 23.18 -1.66
CA GLU D 147 -28.72 23.73 -2.71
C GLU D 147 -28.05 25.01 -2.18
N ALA D 148 -26.75 25.17 -2.41
CA ALA D 148 -25.93 26.33 -1.95
C ALA D 148 -26.30 27.59 -2.75
N SER D 149 -26.25 28.75 -2.10
CA SER D 149 -26.54 30.09 -2.67
C SER D 149 -25.23 30.79 -3.08
N GLN D 150 -25.32 31.72 -4.01
CA GLN D 150 -24.17 32.53 -4.52
C GLN D 150 -23.78 33.55 -3.44
N ASN D 151 -22.50 33.95 -3.40
CA ASN D 151 -21.99 35.03 -2.51
C ASN D 151 -22.43 36.37 -3.14
N LEU D 152 -22.76 37.36 -2.30
CA LEU D 152 -23.26 38.69 -2.74
C LEU D 152 -22.38 39.77 -2.10
N VAL D 153 -21.78 40.62 -2.93
CA VAL D 153 -21.01 41.82 -2.51
C VAL D 153 -21.91 43.03 -2.74
N VAL D 154 -22.32 43.69 -1.65
CA VAL D 154 -23.30 44.82 -1.66
C VAL D 154 -22.54 46.10 -1.33
N VAL D 155 -22.68 47.12 -2.18
CA VAL D 155 -22.05 48.46 -2.00
C VAL D 155 -23.12 49.42 -1.45
N MET D 156 -22.78 50.14 -0.38
CA MET D 156 -23.67 51.16 0.24
C MET D 156 -23.58 52.42 -0.62
N SER D 157 -24.25 52.40 -1.77
CA SER D 157 -24.20 53.43 -2.85
C SER D 157 -24.81 54.75 -2.36
N SER D 158 -24.76 55.80 -3.20
CA SER D 158 -25.23 57.17 -2.90
C SER D 158 -26.66 57.13 -2.33
N ASN D 159 -27.58 56.40 -2.97
CA ASN D 159 -29.01 56.29 -2.59
C ASN D 159 -29.13 55.86 -1.13
N LEU D 160 -28.30 54.90 -0.71
CA LEU D 160 -28.30 54.32 0.67
C LEU D 160 -27.62 55.29 1.65
N GLN D 161 -26.54 55.96 1.21
CA GLN D 161 -25.82 56.99 2.01
C GLN D 161 -26.78 58.15 2.33
N HIS D 162 -27.79 58.38 1.48
CA HIS D 162 -28.74 59.52 1.54
C HIS D 162 -29.96 59.18 2.42
N GLY D 163 -30.14 57.89 2.75
CA GLY D 163 -31.17 57.41 3.70
C GLY D 163 -32.55 57.28 3.09
N ASN D 164 -32.60 56.84 1.83
CA ASN D 164 -33.85 56.62 1.05
C ASN D 164 -34.41 55.21 1.34
N GLN D 165 -33.52 54.26 1.67
CA GLN D 165 -33.87 52.86 2.02
C GLN D 165 -33.43 52.57 3.47
N SER D 166 -34.38 52.22 4.34
CA SER D 166 -34.12 51.77 5.74
C SER D 166 -33.82 50.26 5.75
N ARG D 167 -34.28 49.53 4.74
CA ARG D 167 -34.07 48.06 4.57
C ARG D 167 -33.70 47.75 3.13
N ILE D 168 -32.69 46.89 2.93
CA ILE D 168 -32.32 46.27 1.63
C ILE D 168 -32.74 44.80 1.66
N ASP D 169 -33.55 44.38 0.67
CA ASP D 169 -34.06 42.99 0.55
C ASP D 169 -33.29 42.27 -0.55
N LEU D 170 -32.44 41.31 -0.17
CA LEU D 170 -31.56 40.53 -1.08
C LEU D 170 -32.19 39.16 -1.35
N PHE D 171 -32.17 38.73 -2.62
CA PHE D 171 -32.70 37.43 -3.11
C PHE D 171 -31.61 36.70 -3.88
N PRO D 172 -30.61 36.08 -3.19
CA PRO D 172 -29.51 35.40 -3.87
C PRO D 172 -29.96 34.21 -4.73
N LYS D 173 -29.35 34.04 -5.92
CA LYS D 173 -29.62 32.92 -6.86
C LYS D 173 -28.80 31.70 -6.43
N ASN D 174 -28.71 30.68 -7.29
CA ASN D 174 -27.89 29.45 -7.10
C ASN D 174 -28.43 28.67 -5.91
N VAL E 25 -2.56 24.70 -13.10
CA VAL E 25 -1.07 24.74 -13.25
C VAL E 25 -0.51 23.40 -12.78
N PRO E 26 0.49 22.82 -13.48
CA PRO E 26 1.04 21.52 -13.09
C PRO E 26 1.54 21.51 -11.64
N THR E 27 0.88 20.72 -10.77
CA THR E 27 1.10 20.72 -9.29
C THR E 27 1.62 19.37 -8.80
N THR E 28 1.29 18.27 -9.49
CA THR E 28 1.66 16.87 -9.12
C THR E 28 2.10 16.05 -10.34
N VAL E 29 2.80 14.95 -10.08
CA VAL E 29 3.15 13.92 -11.11
C VAL E 29 2.88 12.52 -10.53
N ASP E 30 2.66 11.54 -11.40
CA ASP E 30 2.54 10.10 -11.04
C ASP E 30 3.89 9.42 -11.30
N VAL E 31 4.34 8.60 -10.35
CA VAL E 31 5.59 7.79 -10.48
C VAL E 31 5.21 6.31 -10.35
N VAL E 32 5.47 5.53 -11.40
CA VAL E 32 5.34 4.05 -11.39
C VAL E 32 6.75 3.45 -11.43
N LEU E 33 7.13 2.73 -10.37
CA LEU E 33 8.38 1.93 -10.30
C LEU E 33 8.08 0.52 -10.81
N HIS E 34 8.89 0.02 -11.76
CA HIS E 34 8.77 -1.35 -12.35
C HIS E 34 9.89 -2.25 -11.80
N LYS E 35 9.54 -3.25 -10.99
CA LYS E 35 10.47 -4.32 -10.51
C LYS E 35 10.31 -5.53 -11.43
N LEU E 36 11.18 -5.68 -12.43
CA LEU E 36 10.98 -6.62 -13.57
C LEU E 36 11.81 -7.90 -13.37
N LEU E 37 11.39 -9.00 -14.02
CA LEU E 37 12.13 -10.29 -14.10
C LEU E 37 12.83 -10.40 -15.46
N PRO E 62 8.03 -9.77 -14.36
CA PRO E 62 7.47 -8.94 -13.28
C PRO E 62 7.58 -9.62 -11.91
N LEU E 63 7.91 -8.84 -10.87
CA LEU E 63 8.05 -9.29 -9.46
C LEU E 63 7.05 -8.53 -8.59
N ASN E 64 5.89 -9.15 -8.32
CA ASN E 64 4.78 -8.57 -7.53
C ASN E 64 4.95 -8.97 -6.07
N GLY E 65 4.49 -8.11 -5.14
CA GLY E 65 4.56 -8.34 -3.69
C GLY E 65 5.81 -7.73 -3.06
N VAL E 66 6.48 -6.80 -3.77
CA VAL E 66 7.73 -6.12 -3.32
C VAL E 66 7.38 -4.71 -2.89
N THR E 67 7.67 -4.36 -1.63
CA THR E 67 7.30 -3.06 -0.99
C THR E 67 8.37 -2.01 -1.31
N PHE E 68 8.00 -1.01 -2.11
CA PHE E 68 8.79 0.21 -2.37
C PHE E 68 8.21 1.34 -1.50
N THR E 69 9.10 2.09 -0.86
CA THR E 69 8.80 3.22 0.06
C THR E 69 9.40 4.48 -0.57
N VAL E 70 8.62 5.56 -0.65
CA VAL E 70 9.04 6.87 -1.21
C VAL E 70 9.19 7.87 -0.06
N TYR E 71 10.33 8.56 -0.02
CA TYR E 71 10.69 9.57 1.02
C TYR E 71 10.89 10.93 0.35
N ASP E 72 10.48 11.99 1.04
CA ASP E 72 10.77 13.41 0.67
C ASP E 72 12.19 13.73 1.17
N VAL E 73 13.14 13.97 0.25
CA VAL E 73 14.56 14.30 0.59
C VAL E 73 14.89 15.70 0.08
N THR E 74 13.88 16.55 -0.15
CA THR E 74 14.00 17.89 -0.79
C THR E 74 14.99 18.77 -0.02
N ALA E 75 14.83 18.93 1.29
CA ALA E 75 15.62 19.83 2.15
C ALA E 75 17.08 19.37 2.21
N ASP E 76 17.32 18.08 2.49
CA ASP E 76 18.67 17.47 2.56
C ASP E 76 19.33 17.55 1.18
N PHE E 77 18.57 17.30 0.11
CA PHE E 77 19.07 17.31 -1.29
C PHE E 77 19.62 18.69 -1.63
N TRP E 78 18.85 19.76 -1.45
CA TRP E 78 19.25 21.14 -1.85
C TRP E 78 20.33 21.67 -0.92
N GLN E 79 20.39 21.18 0.33
CA GLN E 79 21.45 21.50 1.32
C GLN E 79 22.78 20.92 0.83
N LEU E 80 22.76 19.70 0.29
CA LEU E 80 23.94 18.97 -0.24
C LEU E 80 24.44 19.66 -1.52
N VAL E 81 23.52 19.98 -2.43
CA VAL E 81 23.82 20.63 -3.74
C VAL E 81 24.40 22.03 -3.50
N SER E 82 23.86 22.78 -2.53
CA SER E 82 24.31 24.14 -2.16
C SER E 82 25.71 24.07 -1.52
N LYS E 83 26.01 23.00 -0.78
CA LYS E 83 27.32 22.78 -0.12
C LYS E 83 28.39 22.42 -1.16
N ASN E 84 28.05 21.58 -2.15
CA ASN E 84 29.04 20.95 -3.08
C ASN E 84 29.27 21.86 -4.30
N GLY E 85 28.41 22.85 -4.54
CA GLY E 85 28.58 23.87 -5.60
C GLY E 85 27.84 23.51 -6.88
N GLY E 86 26.66 22.89 -6.77
CA GLY E 86 25.71 22.70 -7.88
C GLY E 86 25.89 21.36 -8.59
N ALA E 87 26.51 20.37 -7.94
CA ALA E 87 26.72 19.01 -8.48
C ALA E 87 25.49 18.15 -8.18
N ILE E 88 24.55 18.09 -9.13
CA ILE E 88 23.20 17.45 -8.98
C ILE E 88 23.38 15.93 -8.91
N GLU E 89 24.11 15.35 -9.87
CA GLU E 89 24.39 13.89 -9.99
C GLU E 89 25.06 13.40 -8.70
N VAL E 90 26.05 14.14 -8.20
CA VAL E 90 26.84 13.79 -6.98
C VAL E 90 25.88 13.67 -5.79
N ALA E 91 24.90 14.58 -5.69
CA ALA E 91 23.91 14.65 -4.59
C ALA E 91 22.88 13.51 -4.75
N GLN E 92 22.51 13.19 -5.98
CA GLN E 92 21.62 12.04 -6.30
C GLN E 92 22.28 10.73 -5.83
N THR E 93 23.58 10.59 -6.10
CA THR E 93 24.39 9.39 -5.76
C THR E 93 24.57 9.29 -4.24
N THR E 94 24.82 10.42 -3.56
CA THR E 94 25.06 10.50 -2.10
C THR E 94 23.77 10.08 -1.36
N LEU E 95 22.61 10.60 -1.78
CA LEU E 95 21.30 10.33 -1.14
C LEU E 95 20.76 8.95 -1.56
N SER E 96 21.35 8.32 -2.58
CA SER E 96 21.01 6.96 -3.06
C SER E 96 21.76 5.89 -2.24
N GLN E 97 22.73 6.29 -1.42
CA GLN E 97 23.58 5.37 -0.62
C GLN E 97 22.75 4.78 0.52
N ASP E 98 23.10 3.57 0.97
CA ASP E 98 22.45 2.86 2.10
C ASP E 98 22.88 3.50 3.43
N SER E 99 23.94 4.31 3.40
CA SER E 99 24.40 5.14 4.55
C SER E 99 23.28 6.10 4.97
N TYR E 100 22.80 6.91 4.03
CA TYR E 100 21.79 7.99 4.26
C TYR E 100 20.54 7.42 4.93
N GLN E 101 20.28 7.86 6.17
CA GLN E 101 19.05 7.53 6.95
C GLN E 101 18.11 8.73 6.89
N PRO E 102 17.04 8.69 6.07
CA PRO E 102 16.11 9.82 5.96
C PRO E 102 15.42 10.15 7.29
N ALA E 103 15.06 11.42 7.48
CA ALA E 103 14.22 11.91 8.61
C ALA E 103 12.95 11.04 8.68
N SER E 104 12.60 10.55 9.86
CA SER E 104 11.46 9.63 10.11
C SER E 104 10.14 10.23 9.60
N SER E 105 10.05 11.57 9.58
CA SER E 105 8.85 12.36 9.19
C SER E 105 8.79 12.57 7.66
N SER E 106 9.73 12.00 6.90
CA SER E 106 9.90 12.20 5.44
C SER E 106 9.15 11.13 4.64
N LEU E 107 8.84 9.98 5.25
CA LEU E 107 8.13 8.85 4.59
C LEU E 107 6.73 9.33 4.15
N ILE E 108 6.45 9.25 2.84
CA ILE E 108 5.18 9.75 2.21
C ILE E 108 4.22 8.58 2.06
N ALA E 109 4.65 7.51 1.35
CA ALA E 109 3.79 6.38 0.95
C ALA E 109 4.61 5.10 0.84
N GLN E 110 3.97 3.97 1.18
CA GLN E 110 4.51 2.59 1.08
C GLN E 110 3.56 1.79 0.19
N VAL E 111 4.07 1.26 -0.93
CA VAL E 111 3.26 0.69 -2.05
C VAL E 111 3.88 -0.64 -2.49
N VAL E 112 3.05 -1.67 -2.70
CA VAL E 112 3.46 -3.05 -3.07
C VAL E 112 3.35 -3.18 -4.60
N THR E 113 4.26 -3.94 -5.22
CA THR E 113 4.26 -4.20 -6.69
C THR E 113 3.11 -5.15 -7.03
N ALA E 114 2.30 -4.80 -8.04
CA ALA E 114 1.17 -5.60 -8.56
C ALA E 114 1.12 -5.47 -10.09
N GLY E 115 0.24 -6.24 -10.74
CA GLY E 115 0.09 -6.30 -12.20
C GLY E 115 1.39 -6.74 -12.87
N GLN E 116 2.04 -5.81 -13.60
CA GLN E 116 3.34 -6.05 -14.30
C GLN E 116 4.50 -5.53 -13.46
N GLY E 117 4.62 -6.03 -12.22
CA GLY E 117 5.66 -5.62 -11.25
C GLY E 117 5.69 -4.12 -11.03
N GLU E 118 4.52 -3.48 -11.02
CA GLU E 118 4.35 -2.00 -10.95
C GLU E 118 4.00 -1.57 -9.51
N ALA E 119 4.71 -0.55 -9.01
CA ALA E 119 4.41 0.16 -7.74
C ALA E 119 4.00 1.59 -8.07
N TYR E 120 2.70 1.90 -7.93
CA TYR E 120 2.07 3.17 -8.37
C TYR E 120 2.10 4.18 -7.22
N PHE E 121 2.70 5.34 -7.47
CA PHE E 121 2.73 6.52 -6.55
C PHE E 121 2.08 7.71 -7.26
N GLY E 122 0.78 7.90 -7.04
CA GLY E 122 -0.02 8.96 -7.69
C GLY E 122 0.00 10.25 -6.90
N ASP E 123 -0.07 11.37 -7.59
CA ASP E 123 -0.16 12.75 -7.01
C ASP E 123 1.01 13.00 -6.04
N LEU E 124 2.24 12.71 -6.47
CA LEU E 124 3.48 13.22 -5.79
C LEU E 124 3.63 14.69 -6.15
N PRO E 125 3.61 15.61 -5.15
CA PRO E 125 3.86 17.04 -5.39
C PRO E 125 5.17 17.33 -6.15
N LEU E 126 5.10 18.28 -7.08
CA LEU E 126 6.27 18.79 -7.84
C LEU E 126 7.13 19.68 -6.93
N ARG E 127 6.51 20.31 -5.90
CA ARG E 127 7.17 21.25 -4.97
C ARG E 127 6.93 20.83 -3.52
N GLN E 128 7.95 20.96 -2.66
CA GLN E 128 7.84 20.81 -1.18
C GLN E 128 8.24 22.15 -0.55
N GLY E 129 7.26 23.04 -0.35
CA GLY E 129 7.49 24.46 -0.01
C GLY E 129 7.66 25.28 -1.27
N GLN E 130 8.73 26.08 -1.35
CA GLN E 130 9.07 26.93 -2.51
C GLN E 130 10.01 26.17 -3.46
N HIS E 131 10.51 25.00 -3.05
CA HIS E 131 11.56 24.23 -3.75
C HIS E 131 10.94 23.12 -4.62
N ALA E 132 11.56 22.85 -5.77
CA ALA E 132 11.32 21.64 -6.59
C ALA E 132 11.44 20.43 -5.66
N ALA E 133 10.51 19.48 -5.75
CA ALA E 133 10.48 18.28 -4.88
C ALA E 133 11.61 17.33 -5.32
N VAL E 134 12.15 16.56 -4.37
CA VAL E 134 13.13 15.45 -4.64
C VAL E 134 12.72 14.26 -3.77
N TYR E 135 12.61 13.08 -4.38
CA TYR E 135 12.07 11.85 -3.75
C TYR E 135 13.12 10.73 -3.83
N LEU E 136 13.26 9.97 -2.75
CA LEU E 136 14.10 8.74 -2.65
C LEU E 136 13.17 7.52 -2.69
N PHE E 137 13.44 6.57 -3.58
CA PHE E 137 12.64 5.34 -3.80
C PHE E 137 13.48 4.12 -3.41
N LYS E 138 13.14 3.49 -2.26
CA LYS E 138 13.84 2.30 -1.71
C LYS E 138 12.91 1.09 -1.74
N GLU E 139 13.47 -0.11 -1.93
CA GLU E 139 12.81 -1.41 -1.65
C GLU E 139 13.03 -1.74 -0.17
N THR E 140 11.96 -1.70 0.63
CA THR E 140 12.00 -1.83 2.11
C THR E 140 11.49 -3.22 2.56
N ALA E 141 10.92 -4.01 1.65
CA ALA E 141 10.44 -5.38 1.94
C ALA E 141 10.26 -6.15 0.63
N GLU E 147 16.24 -10.77 -5.11
CA GLU E 147 17.44 -9.88 -5.10
C GLU E 147 16.98 -8.43 -4.94
N ALA E 148 17.67 -7.66 -4.10
CA ALA E 148 17.34 -6.27 -3.72
C ALA E 148 17.63 -5.33 -4.90
N SER E 149 16.81 -4.27 -5.03
CA SER E 149 16.93 -3.21 -6.08
C SER E 149 17.69 -2.00 -5.53
N GLN E 150 18.30 -1.22 -6.43
CA GLN E 150 19.05 0.02 -6.09
C GLN E 150 18.06 1.12 -5.71
N ASN E 151 18.49 2.05 -4.84
CA ASN E 151 17.70 3.24 -4.44
C ASN E 151 17.76 4.25 -5.60
N LEU E 152 16.66 4.98 -5.82
CA LEU E 152 16.57 6.04 -6.85
C LEU E 152 16.19 7.37 -6.20
N VAL E 153 16.99 8.40 -6.43
CA VAL E 153 16.70 9.81 -6.04
C VAL E 153 16.25 10.54 -7.30
N VAL E 154 14.98 10.96 -7.33
CA VAL E 154 14.35 11.62 -8.50
C VAL E 154 14.14 13.10 -8.15
N VAL E 155 14.61 13.99 -9.02
CA VAL E 155 14.48 15.46 -8.90
C VAL E 155 13.35 15.89 -9.82
N MET E 156 12.41 16.68 -9.31
CA MET E 156 11.30 17.26 -10.10
C MET E 156 11.87 18.46 -10.87
N SER E 157 12.62 18.17 -11.93
CA SER E 157 13.41 19.12 -12.75
C SER E 157 12.48 20.07 -13.49
N SER E 158 13.05 21.05 -14.22
CA SER E 158 12.32 22.08 -15.00
C SER E 158 11.24 21.42 -15.87
N ASN E 159 11.59 20.36 -16.62
CA ASN E 159 10.69 19.65 -17.57
C ASN E 159 9.42 19.20 -16.84
N LEU E 160 9.56 18.68 -15.62
CA LEU E 160 8.45 18.15 -14.79
C LEU E 160 7.66 19.31 -14.16
N GLN E 161 8.35 20.37 -13.73
CA GLN E 161 7.72 21.61 -13.18
C GLN E 161 6.83 22.26 -14.26
N HIS E 162 7.13 22.04 -15.53
CA HIS E 162 6.47 22.66 -16.71
C HIS E 162 5.28 21.83 -17.19
N GLY E 163 5.14 20.59 -16.70
CA GLY E 163 3.96 19.72 -16.90
C GLY E 163 4.00 18.99 -18.24
N ASN E 164 5.19 18.58 -18.69
CA ASN E 164 5.42 17.86 -19.97
C ASN E 164 5.21 16.35 -19.77
N GLN E 165 5.48 15.85 -18.56
CA GLN E 165 5.28 14.42 -18.17
C GLN E 165 4.23 14.31 -17.07
N SER E 166 3.14 13.58 -17.31
CA SER E 166 2.07 13.25 -16.33
C SER E 166 2.50 12.02 -15.51
N ARG E 167 3.35 11.17 -16.08
CA ARG E 167 3.86 9.93 -15.44
C ARG E 167 5.36 9.80 -15.67
N ILE E 168 6.11 9.44 -14.62
CA ILE E 168 7.56 9.03 -14.69
C ILE E 168 7.62 7.51 -14.48
N ASP E 169 8.22 6.79 -15.42
CA ASP E 169 8.35 5.30 -15.38
C ASP E 169 9.79 4.94 -15.02
N LEU E 170 10.00 4.43 -13.81
CA LEU E 170 11.34 4.09 -13.24
C LEU E 170 11.56 2.57 -13.37
N PHE E 171 12.76 2.18 -13.81
CA PHE E 171 13.22 0.78 -13.99
C PHE E 171 14.54 0.58 -13.22
N PRO E 172 14.48 0.43 -11.88
CA PRO E 172 15.68 0.26 -11.05
C PRO E 172 16.49 -1.00 -11.41
N LYS E 173 17.82 -0.90 -11.40
CA LYS E 173 18.77 -2.02 -11.62
C LYS E 173 18.93 -2.84 -10.32
N ASN E 174 19.84 -3.81 -10.30
CA ASN E 174 19.82 -4.94 -9.32
C ASN E 174 21.17 -5.02 -8.59
N THR F 24 0.72 -24.28 10.69
CA THR F 24 -0.15 -25.21 11.48
C THR F 24 -0.62 -24.50 12.76
N VAL F 25 -0.21 -23.23 12.96
CA VAL F 25 -0.59 -22.42 14.16
C VAL F 25 -0.98 -21.01 13.70
N PRO F 26 -2.08 -20.43 14.26
CA PRO F 26 -2.49 -19.07 13.90
C PRO F 26 -1.35 -18.05 14.08
N THR F 27 -0.89 -17.46 12.97
CA THR F 27 0.33 -16.60 12.92
C THR F 27 0.00 -15.14 12.58
N THR F 28 -1.07 -14.88 11.82
CA THR F 28 -1.46 -13.51 11.36
C THR F 28 -2.98 -13.30 11.47
N VAL F 29 -3.40 -12.03 11.48
CA VAL F 29 -4.82 -11.60 11.42
C VAL F 29 -4.97 -10.47 10.41
N ASP F 30 -6.17 -10.30 9.86
CA ASP F 30 -6.54 -9.15 8.99
C ASP F 30 -7.28 -8.12 9.83
N VAL F 31 -6.93 -6.84 9.68
CA VAL F 31 -7.61 -5.69 10.34
C VAL F 31 -8.17 -4.77 9.26
N VAL F 32 -9.49 -4.60 9.24
CA VAL F 32 -10.19 -3.60 8.37
C VAL F 32 -10.70 -2.48 9.28
N LEU F 33 -10.20 -1.26 9.10
CA LEU F 33 -10.72 -0.01 9.73
C LEU F 33 -11.82 0.57 8.83
N HIS F 34 -12.98 0.87 9.42
CA HIS F 34 -14.15 1.49 8.74
C HIS F 34 -14.26 2.97 9.14
N LYS F 35 -14.00 3.89 8.22
CA LYS F 35 -14.22 5.36 8.40
C LYS F 35 -15.59 5.71 7.80
N LEU F 36 -16.63 5.81 8.64
CA LEU F 36 -18.04 6.01 8.22
C LEU F 36 -18.42 7.51 8.33
N ASP F 60 -23.19 4.51 8.09
CA ASP F 60 -24.27 4.92 7.16
C ASP F 60 -23.75 5.93 6.13
N VAL F 61 -22.49 6.39 6.23
CA VAL F 61 -21.82 7.22 5.17
C VAL F 61 -20.34 6.83 5.10
N PRO F 62 -19.89 6.10 4.05
CA PRO F 62 -18.46 5.77 3.90
C PRO F 62 -17.62 6.98 3.45
N LEU F 63 -16.41 7.09 3.99
CA LEU F 63 -15.44 8.18 3.69
C LEU F 63 -14.17 7.56 3.09
N ASN F 64 -14.06 7.57 1.75
CA ASN F 64 -12.92 7.00 0.98
C ASN F 64 -11.88 8.09 0.74
N GLY F 65 -10.60 7.71 0.66
CA GLY F 65 -9.46 8.61 0.41
C GLY F 65 -8.82 9.11 1.70
N VAL F 66 -9.06 8.43 2.82
CA VAL F 66 -8.52 8.78 4.17
C VAL F 66 -7.39 7.80 4.51
N THR F 67 -6.19 8.32 4.73
CA THR F 67 -4.95 7.52 4.98
C THR F 67 -4.85 7.16 6.47
N PHE F 68 -5.01 5.87 6.78
CA PHE F 68 -4.71 5.28 8.11
C PHE F 68 -3.35 4.60 8.05
N THR F 69 -2.52 4.82 9.07
CA THR F 69 -1.16 4.25 9.24
C THR F 69 -1.18 3.36 10.49
N VAL F 70 -0.63 2.16 10.38
CA VAL F 70 -0.54 1.16 11.49
C VAL F 70 0.92 1.06 11.94
N TYR F 71 1.15 1.17 13.25
CA TYR F 71 2.50 1.11 13.90
C TYR F 71 2.54 -0.08 14.87
N ASP F 72 3.70 -0.73 14.96
CA ASP F 72 4.02 -1.77 15.98
C ASP F 72 4.42 -1.03 17.26
N VAL F 73 3.62 -1.17 18.33
CA VAL F 73 3.87 -0.52 19.65
C VAL F 73 4.06 -1.60 20.72
N THR F 74 4.40 -2.83 20.33
CA THR F 74 4.45 -4.04 21.20
C THR F 74 5.41 -3.81 22.38
N ALA F 75 6.65 -3.39 22.12
CA ALA F 75 7.73 -3.24 23.11
C ALA F 75 7.37 -2.13 24.11
N ASP F 76 6.98 -0.96 23.61
CA ASP F 76 6.58 0.21 24.44
C ASP F 76 5.34 -0.17 25.26
N PHE F 77 4.38 -0.86 24.64
CA PHE F 77 3.10 -1.25 25.28
C PHE F 77 3.38 -2.12 26.52
N TRP F 78 4.13 -3.21 26.37
CA TRP F 78 4.39 -4.18 27.47
C TRP F 78 5.32 -3.58 28.52
N GLN F 79 6.16 -2.63 28.12
CA GLN F 79 7.06 -1.87 29.03
C GLN F 79 6.21 -0.98 29.94
N LEU F 80 5.16 -0.36 29.38
CA LEU F 80 4.22 0.55 30.09
C LEU F 80 3.36 -0.26 31.06
N VAL F 81 2.82 -1.40 30.60
CA VAL F 81 1.95 -2.31 31.40
C VAL F 81 2.75 -2.91 32.57
N SER F 82 4.01 -3.27 32.33
CA SER F 82 4.92 -3.84 33.35
C SER F 82 5.29 -2.79 34.39
N LYS F 83 5.40 -1.51 33.98
CA LYS F 83 5.71 -0.36 34.86
C LYS F 83 4.51 -0.02 35.75
N ASN F 84 3.29 -0.04 35.20
CA ASN F 84 2.07 0.49 35.86
C ASN F 84 1.39 -0.58 36.73
N GLY F 85 1.75 -1.86 36.54
CA GLY F 85 1.30 -2.98 37.38
C GLY F 85 0.09 -3.70 36.78
N GLY F 86 0.04 -3.83 35.46
CA GLY F 86 -0.90 -4.70 34.73
C GLY F 86 -2.18 -3.98 34.31
N ALA F 87 -2.14 -2.65 34.20
CA ALA F 87 -3.29 -1.82 33.77
C ALA F 87 -3.27 -1.70 32.24
N ILE F 88 -4.01 -2.60 31.56
CA ILE F 88 -4.02 -2.76 30.08
C ILE F 88 -4.71 -1.55 29.44
N GLU F 89 -5.91 -1.21 29.92
CA GLU F 89 -6.74 -0.07 29.43
C GLU F 89 -5.94 1.24 29.54
N VAL F 90 -5.26 1.45 30.68
CA VAL F 90 -4.46 2.68 30.98
C VAL F 90 -3.36 2.82 29.91
N ALA F 91 -2.72 1.71 29.54
CA ALA F 91 -1.62 1.65 28.55
C ALA F 91 -2.16 1.85 27.13
N GLN F 92 -3.36 1.32 26.84
CA GLN F 92 -4.07 1.54 25.56
C GLN F 92 -4.36 3.03 25.38
N THR F 93 -4.82 3.70 26.46
CA THR F 93 -5.18 5.13 26.48
C THR F 93 -3.93 6.00 26.34
N THR F 94 -2.84 5.63 27.02
CA THR F 94 -1.54 6.37 27.02
C THR F 94 -0.94 6.34 25.60
N LEU F 95 -0.93 5.18 24.94
CA LEU F 95 -0.34 4.99 23.59
C LEU F 95 -1.30 5.51 22.51
N SER F 96 -2.56 5.80 22.85
CA SER F 96 -3.58 6.39 21.95
C SER F 96 -3.47 7.92 21.92
N GLN F 97 -2.69 8.52 22.82
CA GLN F 97 -2.52 9.99 22.95
C GLN F 97 -1.70 10.51 21.76
N ASP F 98 -1.93 11.78 21.38
CA ASP F 98 -1.20 12.49 20.30
C ASP F 98 0.21 12.86 20.79
N SER F 99 0.44 12.81 22.11
CA SER F 99 1.77 12.98 22.74
C SER F 99 2.73 11.91 22.22
N TYR F 100 2.35 10.63 22.36
CA TYR F 100 3.19 9.44 22.02
C TYR F 100 3.67 9.54 20.57
N GLN F 101 4.99 9.65 20.38
CA GLN F 101 5.68 9.64 19.07
C GLN F 101 6.30 8.25 18.88
N PRO F 102 5.70 7.36 18.06
CA PRO F 102 6.24 6.01 17.86
C PRO F 102 7.66 6.03 17.25
N ALA F 103 8.47 5.00 17.57
CA ALA F 103 9.77 4.73 16.94
C ALA F 103 9.61 4.76 15.41
N SER F 105 10.91 3.41 12.95
CA SER F 105 11.13 2.03 12.42
C SER F 105 9.96 1.11 12.77
N SER F 106 8.89 1.63 13.40
CA SER F 106 7.70 0.87 13.87
C SER F 106 6.58 0.87 12.82
N LEU F 107 6.60 1.83 11.89
CA LEU F 107 5.59 1.98 10.81
C LEU F 107 5.59 0.72 9.94
N ILE F 108 4.45 0.01 9.87
CA ILE F 108 4.29 -1.29 9.14
C ILE F 108 3.72 -1.01 7.74
N ALA F 109 2.56 -0.35 7.68
CA ALA F 109 1.78 -0.14 6.43
C ALA F 109 0.97 1.16 6.51
N GLN F 110 0.81 1.82 5.37
CA GLN F 110 -0.02 3.04 5.17
C GLN F 110 -1.05 2.74 4.08
N VAL F 111 -2.34 2.83 4.41
CA VAL F 111 -3.48 2.29 3.59
C VAL F 111 -4.58 3.34 3.52
N VAL F 112 -5.14 3.56 2.33
CA VAL F 112 -6.20 4.57 2.03
C VAL F 112 -7.56 3.86 2.09
N THR F 113 -8.60 4.56 2.57
CA THR F 113 -9.99 4.04 2.64
C THR F 113 -10.58 3.97 1.22
N ALA F 114 -11.16 2.82 0.85
CA ALA F 114 -11.83 2.58 -0.44
C ALA F 114 -13.08 1.72 -0.21
N GLY F 115 -13.90 1.52 -1.27
CA GLY F 115 -15.16 0.77 -1.22
C GLY F 115 -16.15 1.38 -0.23
N GLN F 116 -16.39 0.69 0.89
CA GLN F 116 -17.32 1.12 1.98
C GLN F 116 -16.50 1.75 3.12
N GLY F 117 -15.71 2.79 2.81
CA GLY F 117 -14.84 3.49 3.77
C GLY F 117 -13.91 2.55 4.51
N GLU F 118 -13.41 1.51 3.82
CA GLU F 118 -12.60 0.40 4.40
C GLU F 118 -11.11 0.64 4.12
N ALA F 119 -10.28 0.52 5.16
CA ALA F 119 -8.81 0.49 5.10
C ALA F 119 -8.34 -0.91 5.51
N TYR F 120 -7.88 -1.72 4.55
CA TYR F 120 -7.54 -3.16 4.71
C TYR F 120 -6.08 -3.31 5.08
N PHE F 121 -5.80 -3.95 6.22
CA PHE F 121 -4.45 -4.32 6.71
C PHE F 121 -4.37 -5.84 6.84
N GLY F 122 -3.90 -6.52 5.80
CA GLY F 122 -3.82 -7.99 5.73
C GLY F 122 -2.52 -8.51 6.32
N ASP F 123 -2.56 -9.69 6.94
CA ASP F 123 -1.38 -10.44 7.45
C ASP F 123 -0.58 -9.57 8.44
N LEU F 124 -1.27 -8.95 9.41
CA LEU F 124 -0.63 -8.36 10.62
C LEU F 124 -0.24 -9.52 11.54
N PRO F 125 1.06 -9.70 11.85
CA PRO F 125 1.50 -10.70 12.83
C PRO F 125 0.79 -10.62 14.19
N LEU F 126 0.43 -11.78 14.75
CA LEU F 126 -0.17 -11.90 16.11
C LEU F 126 0.92 -11.70 17.17
N ARG F 127 2.19 -11.98 16.82
CA ARG F 127 3.36 -11.88 17.74
C ARG F 127 4.46 -11.03 17.10
N GLN F 128 5.13 -10.20 17.91
CA GLN F 128 6.37 -9.47 17.55
C GLN F 128 7.48 -9.95 18.48
N GLY F 129 8.21 -11.00 18.08
CA GLY F 129 9.12 -11.77 18.94
C GLY F 129 8.37 -12.86 19.67
N GLN F 130 8.51 -12.94 21.00
CA GLN F 130 7.82 -13.93 21.86
C GLN F 130 6.52 -13.33 22.41
N HIS F 131 6.29 -12.04 22.18
CA HIS F 131 5.19 -11.24 22.79
C HIS F 131 4.00 -11.14 21.83
N ALA F 132 2.78 -11.19 22.38
CA ALA F 132 1.53 -10.81 21.70
C ALA F 132 1.75 -9.44 21.04
N ALA F 133 1.37 -9.27 19.78
CA ALA F 133 1.55 -8.01 19.03
C ALA F 133 0.57 -6.96 19.56
N VAL F 134 0.95 -5.69 19.48
CA VAL F 134 0.06 -4.52 19.80
C VAL F 134 0.30 -3.47 18.72
N TYR F 135 -0.78 -2.96 18.12
CA TYR F 135 -0.76 -2.05 16.95
C TYR F 135 -1.49 -0.76 17.30
N LEU F 136 -0.92 0.38 16.86
CA LEU F 136 -1.53 1.73 16.94
C LEU F 136 -2.03 2.11 15.54
N PHE F 137 -3.29 2.51 15.44
CA PHE F 137 -3.97 2.89 14.16
C PHE F 137 -4.31 4.38 14.19
N LYS F 138 -3.57 5.20 13.42
CA LYS F 138 -3.75 6.67 13.33
C LYS F 138 -4.25 7.06 11.94
N GLU F 139 -5.09 8.10 11.85
CA GLU F 139 -5.42 8.82 10.60
C GLU F 139 -4.37 9.90 10.37
N THR F 140 -3.51 9.73 9.35
CA THR F 140 -2.32 10.58 9.09
C THR F 140 -2.55 11.52 7.90
N ALA F 141 -3.65 11.34 7.15
CA ALA F 141 -3.99 12.18 5.99
C ALA F 141 -5.48 12.02 5.64
N ALA F 142 -6.12 13.12 5.27
CA ALA F 142 -7.54 13.19 4.85
C ALA F 142 -7.73 14.42 3.95
N PRO F 143 -8.63 14.33 2.93
CA PRO F 143 -9.10 15.53 2.24
C PRO F 143 -9.58 16.59 3.23
N LYS F 144 -9.61 17.85 2.81
CA LYS F 144 -9.95 19.01 3.67
C LYS F 144 -11.43 18.93 4.07
N ASN F 145 -11.73 19.39 5.28
CA ASN F 145 -13.11 19.49 5.87
C ASN F 145 -13.59 18.11 6.35
N ILE F 146 -12.73 17.09 6.30
CA ILE F 146 -13.01 15.74 6.87
C ILE F 146 -12.53 15.69 8.32
N GLU F 147 -13.47 15.57 9.26
CA GLU F 147 -13.23 15.51 10.73
C GLU F 147 -12.26 14.35 11.03
N ALA F 148 -11.28 14.60 11.90
CA ALA F 148 -10.20 13.65 12.28
C ALA F 148 -10.78 12.54 13.17
N SER F 149 -10.24 11.32 13.06
CA SER F 149 -10.63 10.12 13.83
C SER F 149 -9.66 9.91 15.01
N GLN F 150 -10.13 9.23 16.06
CA GLN F 150 -9.34 8.89 17.26
C GLN F 150 -8.31 7.80 16.91
N ASN F 151 -7.16 7.78 17.61
CA ASN F 151 -6.14 6.72 17.48
C ASN F 151 -6.65 5.48 18.24
N LEU F 152 -6.34 4.29 17.73
CA LEU F 152 -6.78 2.99 18.32
C LEU F 152 -5.55 2.12 18.57
N VAL F 153 -5.36 1.68 19.82
CA VAL F 153 -4.30 0.71 20.22
C VAL F 153 -4.99 -0.65 20.40
N VAL F 154 -4.65 -1.61 19.54
CA VAL F 154 -5.28 -2.97 19.51
C VAL F 154 -4.25 -3.97 20.03
N VAL F 155 -4.64 -4.77 21.01
CA VAL F 155 -3.80 -5.86 21.60
C VAL F 155 -4.25 -7.18 20.99
N MET F 156 -3.30 -7.98 20.49
CA MET F 156 -3.57 -9.34 19.95
C MET F 156 -3.72 -10.28 21.14
N SER F 157 -4.90 -10.21 21.81
CA SER F 157 -5.24 -10.90 23.08
C SER F 157 -5.29 -12.41 22.86
N SER F 158 -5.51 -13.18 23.95
CA SER F 158 -5.56 -14.66 23.97
C SER F 158 -6.48 -15.18 22.84
N ASN F 159 -7.69 -14.63 22.72
CA ASN F 159 -8.73 -15.03 21.73
C ASN F 159 -8.14 -15.00 20.32
N LEU F 160 -7.37 -13.96 20.00
CA LEU F 160 -6.75 -13.73 18.66
C LEU F 160 -5.52 -14.64 18.49
N GLN F 161 -4.74 -14.84 19.55
CA GLN F 161 -3.56 -15.77 19.56
C GLN F 161 -4.04 -17.21 19.29
N HIS F 162 -5.29 -17.52 19.62
CA HIS F 162 -5.90 -18.88 19.54
C HIS F 162 -6.55 -19.12 18.17
N GLY F 163 -6.70 -18.07 17.36
CA GLY F 163 -7.12 -18.16 15.94
C GLY F 163 -8.62 -18.27 15.77
N ASN F 164 -9.38 -17.57 16.64
CA ASN F 164 -10.88 -17.58 16.64
C ASN F 164 -11.40 -16.52 15.66
N GLN F 165 -10.65 -15.44 15.45
CA GLN F 165 -10.98 -14.34 14.51
C GLN F 165 -9.92 -14.25 13.40
N SER F 166 -10.33 -14.39 12.14
CA SER F 166 -9.48 -14.21 10.94
C SER F 166 -9.44 -12.72 10.55
N ARG F 167 -10.47 -11.96 10.93
CA ARG F 167 -10.59 -10.51 10.64
C ARG F 167 -11.08 -9.77 11.90
N ILE F 168 -10.46 -8.63 12.21
CA ILE F 168 -10.92 -7.65 13.24
C ILE F 168 -11.48 -6.43 12.50
N ASP F 169 -12.73 -6.05 12.79
CA ASP F 169 -13.43 -4.89 12.18
C ASP F 169 -13.48 -3.74 13.18
N LEU F 170 -12.70 -2.68 12.91
CA LEU F 170 -12.56 -1.48 13.79
C LEU F 170 -13.42 -0.34 13.26
N PHE F 171 -14.14 0.35 14.14
CA PHE F 171 -15.03 1.49 13.86
C PHE F 171 -14.62 2.68 14.74
N PRO F 172 -13.52 3.40 14.40
CA PRO F 172 -13.05 4.50 15.24
C PRO F 172 -14.04 5.67 15.32
N LYS F 173 -14.17 6.27 16.51
CA LYS F 173 -15.05 7.44 16.79
C LYS F 173 -14.33 8.73 16.37
N ASN F 174 -14.86 9.89 16.77
CA ASN F 174 -14.43 11.23 16.28
C ASN F 174 -14.77 11.35 14.80
N THR G 24 -29.93 37.52 14.98
CA THR G 24 -31.27 37.53 14.34
C THR G 24 -32.30 38.18 15.28
N VAL G 25 -31.95 39.33 15.87
CA VAL G 25 -32.77 40.06 16.89
C VAL G 25 -32.74 41.56 16.59
N PRO G 26 -33.80 42.12 15.95
CA PRO G 26 -33.89 43.57 15.71
C PRO G 26 -33.95 44.36 17.03
N THR G 27 -33.08 45.35 17.20
CA THR G 27 -32.83 46.06 18.50
C THR G 27 -32.87 47.59 18.34
N THR G 28 -33.20 48.12 17.15
CA THR G 28 -33.37 49.57 16.86
C THR G 28 -34.36 49.77 15.70
N VAL G 29 -34.86 51.01 15.52
CA VAL G 29 -35.76 51.38 14.38
C VAL G 29 -35.49 52.82 13.94
N ASP G 30 -35.74 53.12 12.67
CA ASP G 30 -35.69 54.49 12.10
C ASP G 30 -37.09 55.10 12.14
N VAL G 31 -37.20 56.38 12.51
CA VAL G 31 -38.47 57.16 12.54
C VAL G 31 -38.34 58.35 11.59
N VAL G 32 -39.36 58.56 10.74
CA VAL G 32 -39.37 59.62 9.69
C VAL G 32 -40.64 60.47 9.86
N LEU G 33 -40.62 61.43 10.80
CA LEU G 33 -41.66 62.48 10.95
C LEU G 33 -41.71 63.29 9.65
N HIS G 34 -42.92 63.50 9.10
CA HIS G 34 -43.17 64.33 7.89
C HIS G 34 -44.16 65.45 8.25
N LYS G 35 -43.67 66.69 8.39
CA LYS G 35 -44.48 67.91 8.61
C LYS G 35 -44.98 68.41 7.25
N THR G 67 -38.27 72.35 13.75
CA THR G 67 -37.40 71.53 14.64
C THR G 67 -38.27 70.67 15.56
N PHE G 68 -38.24 69.35 15.37
CA PHE G 68 -38.84 68.34 16.28
C PHE G 68 -37.75 67.81 17.22
N THR G 69 -38.15 67.48 18.46
CA THR G 69 -37.28 66.91 19.52
C THR G 69 -37.91 65.61 20.02
N VAL G 70 -37.20 64.48 19.86
CA VAL G 70 -37.62 63.16 20.42
C VAL G 70 -37.14 63.09 21.87
N TYR G 71 -37.93 62.43 22.74
CA TYR G 71 -37.60 62.16 24.16
C TYR G 71 -37.96 60.71 24.47
N ASP G 72 -37.36 60.17 25.54
CA ASP G 72 -37.58 58.78 26.04
C ASP G 72 -38.56 58.87 27.23
N VAL G 73 -39.79 58.39 27.05
CA VAL G 73 -40.88 58.44 28.07
C VAL G 73 -41.16 57.02 28.59
N THR G 74 -40.21 56.10 28.44
CA THR G 74 -40.42 54.64 28.66
C THR G 74 -40.88 54.41 30.10
N ALA G 75 -40.07 54.81 31.09
CA ALA G 75 -40.35 54.63 32.54
C ALA G 75 -41.70 55.26 32.88
N ASP G 76 -41.90 56.51 32.48
CA ASP G 76 -43.14 57.28 32.73
C ASP G 76 -44.34 56.57 32.08
N PHE G 77 -44.17 56.08 30.86
CA PHE G 77 -45.27 55.50 30.04
C PHE G 77 -45.80 54.21 30.69
N TRP G 78 -44.93 53.34 31.19
CA TRP G 78 -45.33 52.02 31.76
C TRP G 78 -45.82 52.21 33.20
N GLN G 79 -45.24 53.16 33.93
CA GLN G 79 -45.63 53.52 35.32
C GLN G 79 -47.05 54.12 35.30
N LEU G 80 -47.48 54.68 34.17
CA LEU G 80 -48.83 55.24 33.93
C LEU G 80 -49.80 54.11 33.57
N VAL G 81 -49.46 53.33 32.55
CA VAL G 81 -50.25 52.17 32.06
C VAL G 81 -50.45 51.15 33.19
N SER G 82 -49.42 50.91 34.00
CA SER G 82 -49.43 49.95 35.14
C SER G 82 -50.22 50.56 36.30
N LYS G 83 -50.40 51.88 36.30
CA LYS G 83 -51.24 52.64 37.26
C LYS G 83 -52.72 52.58 36.83
N ASN G 84 -53.02 52.67 35.53
CA ASN G 84 -54.39 52.91 35.00
C ASN G 84 -55.04 51.61 34.49
N GLY G 85 -54.50 50.44 34.84
CA GLY G 85 -55.13 49.13 34.59
C GLY G 85 -54.97 48.65 33.15
N GLY G 86 -54.00 49.20 32.41
CA GLY G 86 -53.59 48.72 31.07
C GLY G 86 -54.15 49.52 29.93
N ALA G 87 -54.70 50.73 30.19
CA ALA G 87 -55.32 51.62 29.18
C ALA G 87 -54.24 52.32 28.35
N ILE G 88 -53.70 51.64 27.34
CA ILE G 88 -52.59 52.13 26.46
C ILE G 88 -52.97 53.51 25.90
N GLU G 89 -54.06 53.58 25.14
CA GLU G 89 -54.58 54.81 24.48
C GLU G 89 -54.61 55.97 25.50
N VAL G 90 -55.11 55.70 26.71
CA VAL G 90 -55.20 56.70 27.82
C VAL G 90 -53.80 57.25 28.11
N ALA G 91 -52.84 56.35 28.40
CA ALA G 91 -51.42 56.67 28.70
C ALA G 91 -50.79 57.45 27.54
N GLN G 92 -51.06 57.02 26.30
CA GLN G 92 -50.59 57.69 25.06
C GLN G 92 -50.97 59.16 25.09
N THR G 93 -52.24 59.47 25.39
CA THR G 93 -52.82 60.84 25.43
C THR G 93 -52.08 61.69 26.47
N THR G 94 -52.11 61.29 27.74
CA THR G 94 -51.51 62.01 28.89
C THR G 94 -50.09 62.48 28.54
N LEU G 95 -49.25 61.57 28.04
CA LEU G 95 -47.84 61.85 27.65
C LEU G 95 -47.81 62.89 26.51
N SER G 96 -48.80 62.85 25.62
CA SER G 96 -48.94 63.73 24.42
C SER G 96 -49.62 65.07 24.78
N GLN G 97 -49.87 65.33 26.06
CA GLN G 97 -50.45 66.61 26.56
C GLN G 97 -49.31 67.54 26.97
N ASP G 98 -49.46 68.84 26.69
CA ASP G 98 -48.46 69.91 26.97
C ASP G 98 -48.06 69.87 28.45
N SER G 99 -49.04 69.66 29.34
CA SER G 99 -48.90 69.64 30.82
C SER G 99 -47.71 68.78 31.25
N TYR G 100 -47.51 67.63 30.61
CA TYR G 100 -46.42 66.66 30.87
C TYR G 100 -45.07 67.31 30.51
N GLN G 101 -44.13 67.33 31.46
CA GLN G 101 -42.78 67.93 31.34
C GLN G 101 -41.73 66.82 31.42
N PRO G 102 -41.20 66.33 30.27
CA PRO G 102 -40.24 65.23 30.28
C PRO G 102 -38.99 65.49 31.15
N ALA G 103 -38.46 64.44 31.78
CA ALA G 103 -37.20 64.45 32.55
C ALA G 103 -36.09 65.06 31.67
N SER G 104 -35.30 65.97 32.23
CA SER G 104 -34.19 66.67 31.52
C SER G 104 -33.22 65.67 30.89
N SER G 105 -33.03 64.51 31.52
CA SER G 105 -32.10 63.43 31.10
C SER G 105 -32.81 62.43 30.17
N SER G 106 -33.85 62.87 29.46
CA SER G 106 -34.72 62.01 28.60
C SER G 106 -34.59 62.38 27.11
N LEU G 107 -33.95 63.51 26.78
CA LEU G 107 -33.76 64.00 25.38
C LEU G 107 -32.80 63.06 24.64
N ILE G 108 -33.21 62.54 23.48
CA ILE G 108 -32.42 61.58 22.65
C ILE G 108 -31.83 62.30 21.44
N ALA G 109 -32.64 63.06 20.69
CA ALA G 109 -32.24 63.74 19.44
C ALA G 109 -33.11 64.97 19.17
N GLN G 110 -32.63 65.85 18.29
CA GLN G 110 -33.30 67.12 17.87
C GLN G 110 -33.00 67.36 16.38
N VAL G 111 -33.91 66.95 15.49
CA VAL G 111 -33.70 66.87 14.01
C VAL G 111 -34.61 67.87 13.30
N VAL G 112 -34.05 68.63 12.35
CA VAL G 112 -34.72 69.72 11.57
C VAL G 112 -35.30 69.12 10.28
N THR G 113 -36.43 69.65 9.81
CA THR G 113 -37.14 69.21 8.58
C THR G 113 -36.28 69.55 7.35
N ALA G 114 -36.02 68.55 6.49
CA ALA G 114 -35.25 68.68 5.23
C ALA G 114 -35.75 67.68 4.19
N GLY G 115 -35.73 68.06 2.90
CA GLY G 115 -36.21 67.23 1.79
C GLY G 115 -37.73 67.35 1.63
N GLN G 116 -38.46 66.26 1.90
CA GLN G 116 -39.95 66.19 1.84
C GLN G 116 -40.52 66.56 3.22
N GLY G 117 -40.14 67.74 3.74
CA GLY G 117 -40.45 68.19 5.10
C GLY G 117 -40.26 67.07 6.13
N GLU G 118 -39.22 66.25 5.94
CA GLU G 118 -38.98 64.98 6.70
C GLU G 118 -37.95 65.24 7.80
N ALA G 119 -38.13 64.62 8.96
CA ALA G 119 -37.20 64.64 10.12
C ALA G 119 -36.76 63.20 10.45
N TYR G 120 -35.49 62.88 10.18
CA TYR G 120 -34.91 61.52 10.30
C TYR G 120 -34.41 61.30 11.73
N PHE G 121 -34.90 60.25 12.37
CA PHE G 121 -34.51 59.77 13.73
C PHE G 121 -34.09 58.29 13.64
N GLY G 122 -32.88 58.05 13.13
CA GLY G 122 -32.35 56.69 12.88
C GLY G 122 -31.89 56.01 14.15
N ASP G 123 -31.85 54.67 14.12
CA ASP G 123 -31.28 53.79 15.18
C ASP G 123 -31.84 54.14 16.57
N LEU G 124 -33.17 54.30 16.68
CA LEU G 124 -33.87 54.51 17.99
C LEU G 124 -34.04 53.16 18.69
N PRO G 125 -33.35 52.89 19.82
CA PRO G 125 -33.56 51.66 20.59
C PRO G 125 -35.02 51.18 20.67
N LEU G 126 -35.24 49.90 20.34
CA LEU G 126 -36.58 49.25 20.43
C LEU G 126 -36.93 49.03 21.91
N ARG G 127 -35.92 48.79 22.75
CA ARG G 127 -36.06 48.56 24.20
C ARG G 127 -35.12 49.50 24.96
N GLN G 128 -35.58 50.10 26.07
CA GLN G 128 -34.73 50.85 27.04
C GLN G 128 -34.82 50.11 28.37
N GLY G 129 -33.71 49.51 28.82
CA GLY G 129 -33.69 48.52 29.91
C GLY G 129 -34.30 47.20 29.44
N GLN G 130 -35.25 46.64 30.21
CA GLN G 130 -36.05 45.46 29.79
C GLN G 130 -37.24 45.93 28.94
N HIS G 131 -37.70 47.17 29.17
CA HIS G 131 -39.00 47.68 28.71
C HIS G 131 -38.96 48.08 27.23
N ALA G 132 -39.92 47.56 26.46
CA ALA G 132 -40.31 48.06 25.12
C ALA G 132 -40.32 49.59 25.15
N ALA G 133 -39.53 50.24 24.30
CA ALA G 133 -39.30 51.71 24.32
C ALA G 133 -40.61 52.44 24.00
N VAL G 134 -40.80 53.61 24.60
CA VAL G 134 -41.88 54.59 24.28
C VAL G 134 -41.18 55.94 24.09
N TYR G 135 -41.61 56.71 23.09
CA TYR G 135 -40.93 57.95 22.63
C TYR G 135 -41.99 59.05 22.42
N LEU G 136 -41.59 60.30 22.71
CA LEU G 136 -42.43 61.52 22.61
C LEU G 136 -41.76 62.51 21.66
N PHE G 137 -42.27 62.65 20.43
CA PHE G 137 -41.84 63.66 19.44
C PHE G 137 -42.71 64.91 19.62
N LYS G 138 -42.07 66.09 19.69
CA LYS G 138 -42.73 67.38 19.96
C LYS G 138 -42.04 68.49 19.14
N GLU G 139 -42.81 69.18 18.28
CA GLU G 139 -42.33 70.31 17.43
C GLU G 139 -41.83 71.43 18.33
N VAL G 154 -45.37 57.24 20.13
CA VAL G 154 -44.65 56.15 19.40
C VAL G 154 -44.24 55.07 20.40
N VAL G 155 -45.10 54.06 20.60
CA VAL G 155 -44.84 52.87 21.45
C VAL G 155 -44.25 51.77 20.56
N MET G 156 -43.15 51.15 21.01
CA MET G 156 -42.46 50.07 20.28
C MET G 156 -43.18 48.75 20.54
N SER G 157 -44.34 48.59 19.89
CA SER G 157 -45.29 47.45 20.02
C SER G 157 -44.62 46.16 19.54
N SER G 158 -45.36 45.05 19.58
CA SER G 158 -44.85 43.66 19.40
C SER G 158 -44.38 43.43 17.96
N ASN G 159 -44.92 44.21 17.00
CA ASN G 159 -44.61 44.10 15.55
C ASN G 159 -43.24 44.74 15.31
N LEU G 160 -43.03 45.94 15.84
CA LEU G 160 -41.76 46.71 15.74
C LEU G 160 -40.64 45.93 16.44
N GLN G 161 -40.95 45.29 17.57
CA GLN G 161 -40.00 44.48 18.39
C GLN G 161 -39.48 43.30 17.54
N HIS G 162 -40.37 42.63 16.81
CA HIS G 162 -40.06 41.46 15.93
C HIS G 162 -39.28 41.91 14.68
N GLY G 163 -39.29 43.22 14.37
CA GLY G 163 -38.48 43.83 13.29
C GLY G 163 -39.04 43.56 11.91
N ASN G 164 -40.34 43.79 11.71
CA ASN G 164 -41.00 43.76 10.39
C ASN G 164 -41.00 45.18 9.81
N GLN G 165 -40.71 46.19 10.63
CA GLN G 165 -40.64 47.62 10.25
C GLN G 165 -39.24 48.18 10.55
N SER G 166 -38.42 48.38 9.52
CA SER G 166 -37.08 49.04 9.65
C SER G 166 -37.26 50.54 9.84
N ARG G 167 -38.27 51.13 9.16
CA ARG G 167 -38.65 52.56 9.25
C ARG G 167 -40.14 52.68 9.62
N ILE G 168 -40.46 53.50 10.63
CA ILE G 168 -41.85 53.94 10.95
C ILE G 168 -42.01 55.40 10.50
N ASP G 169 -42.99 55.67 9.64
CA ASP G 169 -43.37 57.04 9.21
C ASP G 169 -44.33 57.65 10.24
N LEU G 170 -44.28 58.98 10.42
CA LEU G 170 -45.13 59.74 11.37
C LEU G 170 -45.62 61.03 10.70
N PHE G 171 -46.94 61.14 10.45
CA PHE G 171 -47.60 62.31 9.82
C PHE G 171 -48.49 63.02 10.84
N PRO G 172 -47.93 63.86 11.72
CA PRO G 172 -48.74 64.59 12.71
C PRO G 172 -49.49 65.79 12.09
N THR H 24 37.85 -30.74 -5.71
CA THR H 24 37.24 -30.14 -6.94
C THR H 24 37.48 -31.07 -8.14
N VAL H 25 38.34 -32.09 -7.98
CA VAL H 25 38.82 -33.03 -9.04
C VAL H 25 39.00 -34.38 -8.36
N PRO H 26 38.77 -35.53 -9.07
CA PRO H 26 39.28 -36.84 -8.65
C PRO H 26 40.77 -36.78 -8.28
N THR H 27 41.09 -37.03 -7.01
CA THR H 27 42.44 -36.84 -6.40
C THR H 27 43.06 -38.17 -5.95
N THR H 28 42.26 -39.19 -5.62
CA THR H 28 42.75 -40.51 -5.12
C THR H 28 41.98 -41.67 -5.74
N VAL H 29 42.57 -42.87 -5.71
CA VAL H 29 41.94 -44.15 -6.15
C VAL H 29 42.26 -45.24 -5.12
N ASP H 30 41.42 -46.27 -5.05
CA ASP H 30 41.64 -47.48 -4.21
C ASP H 30 42.22 -48.58 -5.10
N VAL H 31 43.25 -49.28 -4.63
CA VAL H 31 43.87 -50.44 -5.32
C VAL H 31 43.76 -51.65 -4.40
N VAL H 32 43.04 -52.68 -4.85
CA VAL H 32 42.94 -54.00 -4.16
C VAL H 32 43.72 -55.02 -5.01
N LEU H 33 44.80 -55.58 -4.44
CA LEU H 33 45.57 -56.72 -5.02
C LEU H 33 44.92 -58.03 -4.52
N HIS H 34 44.63 -58.95 -5.44
CA HIS H 34 44.05 -60.29 -5.16
C HIS H 34 45.12 -61.37 -5.33
N LYS H 35 45.53 -62.00 -4.22
CA LYS H 35 46.43 -63.19 -4.23
C LYS H 35 45.56 -64.45 -4.12
N LEU H 36 45.23 -65.09 -5.25
CA LEU H 36 44.20 -66.18 -5.29
C LEU H 36 44.85 -67.57 -5.34
N LEU H 37 44.09 -68.59 -4.95
CA LEU H 37 44.54 -70.02 -4.91
C LEU H 37 43.96 -70.75 -6.14
N PRO H 62 41.76 -68.15 -2.34
CA PRO H 62 42.34 -66.99 -1.65
C PRO H 62 43.49 -67.36 -0.71
N LEU H 63 44.55 -66.54 -0.71
CA LEU H 63 45.79 -66.72 0.10
C LEU H 63 45.95 -65.50 1.01
N ASN H 64 45.51 -65.63 2.27
CA ASN H 64 45.55 -64.55 3.30
C ASN H 64 46.87 -64.66 4.08
N GLY H 65 47.40 -63.52 4.56
CA GLY H 65 48.64 -63.44 5.35
C GLY H 65 49.86 -63.18 4.49
N VAL H 66 49.67 -62.69 3.26
CA VAL H 66 50.75 -62.36 2.28
C VAL H 66 50.93 -60.84 2.23
N THR H 67 52.13 -60.36 2.56
CA THR H 67 52.46 -58.91 2.67
C THR H 67 52.85 -58.36 1.30
N PHE H 68 52.01 -57.47 0.75
CA PHE H 68 52.31 -56.64 -0.43
C PHE H 68 52.69 -55.24 0.04
N THR H 69 53.75 -54.68 -0.55
CA THR H 69 54.29 -53.32 -0.28
C THR H 69 54.15 -52.49 -1.56
N VAL H 70 53.63 -51.27 -1.45
CA VAL H 70 53.42 -50.32 -2.59
C VAL H 70 54.44 -49.19 -2.46
N TYR H 71 55.16 -48.90 -3.56
CA TYR H 71 56.20 -47.85 -3.66
C TYR H 71 55.79 -46.82 -4.72
N ASP H 72 56.10 -45.55 -4.48
CA ASP H 72 55.97 -44.43 -5.45
C ASP H 72 57.20 -44.47 -6.36
N VAL H 73 57.02 -44.76 -7.65
CA VAL H 73 58.12 -44.83 -8.66
C VAL H 73 57.90 -43.76 -9.75
N THR H 74 57.11 -42.72 -9.45
CA THR H 74 56.64 -41.68 -10.41
C THR H 74 57.82 -41.01 -11.10
N ALA H 75 58.79 -40.49 -10.33
CA ALA H 75 59.94 -39.69 -10.83
C ALA H 75 60.85 -40.56 -11.71
N ASP H 76 61.23 -41.74 -11.21
CA ASP H 76 62.09 -42.72 -11.93
C ASP H 76 61.35 -43.19 -13.20
N PHE H 77 60.05 -43.44 -13.10
CA PHE H 77 59.23 -43.95 -14.23
C PHE H 77 59.26 -42.95 -15.39
N TRP H 78 58.93 -41.68 -15.15
CA TRP H 78 58.83 -40.64 -16.22
C TRP H 78 60.23 -40.28 -16.75
N GLN H 79 61.25 -40.43 -15.91
CA GLN H 79 62.67 -40.20 -16.26
C GLN H 79 63.11 -41.28 -17.27
N LEU H 80 62.67 -42.52 -17.05
CA LEU H 80 62.98 -43.71 -17.90
C LEU H 80 62.25 -43.58 -19.24
N VAL H 81 60.97 -43.23 -19.21
CA VAL H 81 60.10 -43.07 -20.42
C VAL H 81 60.62 -41.92 -21.29
N SER H 82 61.06 -40.82 -20.66
CA SER H 82 61.60 -39.62 -21.35
C SER H 82 62.96 -39.96 -21.99
N LYS H 83 63.75 -40.84 -21.36
CA LYS H 83 65.08 -41.29 -21.86
C LYS H 83 64.91 -42.23 -23.06
N ASN H 84 63.92 -43.15 -23.02
CA ASN H 84 63.80 -44.28 -23.98
C ASN H 84 62.96 -43.85 -25.19
N GLY H 85 62.22 -42.74 -25.11
CA GLY H 85 61.48 -42.15 -26.23
C GLY H 85 60.02 -42.56 -26.26
N GLY H 86 59.40 -42.73 -25.08
CA GLY H 86 57.95 -42.89 -24.93
C GLY H 86 57.50 -44.33 -24.89
N ALA H 87 58.41 -45.27 -24.58
CA ALA H 87 58.13 -46.72 -24.46
C ALA H 87 57.63 -47.02 -23.04
N ILE H 88 56.31 -47.03 -22.85
CA ILE H 88 55.62 -47.13 -21.52
C ILE H 88 55.79 -48.55 -20.98
N GLU H 89 55.49 -49.56 -21.81
CA GLU H 89 55.58 -51.01 -21.49
C GLU H 89 57.02 -51.35 -21.06
N VAL H 90 58.01 -50.86 -21.80
CA VAL H 90 59.46 -51.11 -21.56
C VAL H 90 59.83 -50.60 -20.16
N ALA H 91 59.30 -49.43 -19.77
CA ALA H 91 59.57 -48.76 -18.48
C ALA H 91 58.84 -49.51 -17.35
N GLN H 92 57.63 -50.01 -17.61
CA GLN H 92 56.85 -50.85 -16.66
C GLN H 92 57.64 -52.13 -16.36
N THR H 93 58.22 -52.75 -17.39
CA THR H 93 58.99 -54.02 -17.30
C THR H 93 60.31 -53.78 -16.56
N THR H 94 60.99 -52.65 -16.84
CA THR H 94 62.30 -52.28 -16.23
C THR H 94 62.11 -52.05 -14.72
N LEU H 95 61.06 -51.32 -14.33
CA LEU H 95 60.78 -50.98 -12.90
C LEU H 95 60.14 -52.17 -12.18
N SER H 96 59.70 -53.20 -12.91
CA SER H 96 59.11 -54.46 -12.36
C SER H 96 60.22 -55.46 -12.02
N GLN H 97 61.46 -55.20 -12.46
CA GLN H 97 62.63 -56.11 -12.25
C GLN H 97 63.05 -56.09 -10.77
N ASP H 98 63.62 -57.19 -10.30
CA ASP H 98 64.16 -57.34 -8.91
C ASP H 98 65.48 -56.57 -8.79
N SER H 99 66.09 -56.19 -9.92
CA SER H 99 67.26 -55.29 -10.00
C SER H 99 66.94 -53.94 -9.35
N TYR H 100 65.88 -53.28 -9.83
CA TYR H 100 65.45 -51.92 -9.42
C TYR H 100 65.27 -51.86 -7.90
N GLN H 101 66.09 -51.06 -7.23
CA GLN H 101 66.02 -50.77 -5.77
C GLN H 101 65.37 -49.39 -5.58
N PRO H 102 64.07 -49.32 -5.21
CA PRO H 102 63.40 -48.03 -5.05
C PRO H 102 64.05 -47.17 -3.94
N ALA H 103 63.95 -45.84 -4.07
CA ALA H 103 64.34 -44.86 -3.02
C ALA H 103 63.66 -45.26 -1.71
N SER H 104 64.40 -45.30 -0.60
CA SER H 104 63.94 -45.73 0.74
C SER H 104 62.71 -44.90 1.18
N SER H 105 62.61 -43.66 0.71
CA SER H 105 61.55 -42.68 1.07
C SER H 105 60.32 -42.84 0.18
N SER H 106 60.29 -43.85 -0.70
CA SER H 106 59.22 -44.08 -1.71
C SER H 106 58.16 -45.05 -1.17
N LEU H 107 58.48 -45.86 -0.16
CA LEU H 107 57.54 -46.83 0.47
C LEU H 107 56.35 -46.06 1.06
N ILE H 108 55.13 -46.36 0.58
CA ILE H 108 53.87 -45.66 0.97
C ILE H 108 53.17 -46.46 2.07
N ALA H 109 52.87 -47.73 1.80
CA ALA H 109 52.07 -48.61 2.67
C ALA H 109 52.47 -50.08 2.50
N GLN H 110 52.40 -50.84 3.61
CA GLN H 110 52.63 -52.31 3.67
C GLN H 110 51.36 -52.96 4.22
N VAL H 111 50.73 -53.85 3.44
CA VAL H 111 49.34 -54.36 3.68
C VAL H 111 49.33 -55.89 3.49
N VAL H 112 48.67 -56.60 4.40
CA VAL H 112 48.58 -58.09 4.43
C VAL H 112 47.26 -58.49 3.76
N THR H 113 47.25 -59.63 3.05
CA THR H 113 46.04 -60.19 2.38
C THR H 113 45.10 -60.75 3.45
N ALA H 114 43.81 -60.37 3.39
CA ALA H 114 42.72 -60.83 4.28
C ALA H 114 41.45 -61.03 3.47
N GLY H 115 40.40 -61.59 4.09
CA GLY H 115 39.11 -61.90 3.45
C GLY H 115 39.27 -62.87 2.29
N GLN H 116 39.09 -62.38 1.06
CA GLN H 116 39.18 -63.15 -0.21
C GLN H 116 40.55 -62.89 -0.84
N GLY H 117 41.64 -63.15 -0.10
CA GLY H 117 43.03 -62.93 -0.54
C GLY H 117 43.26 -61.51 -1.02
N GLU H 118 42.61 -60.53 -0.37
CA GLU H 118 42.61 -59.09 -0.79
C GLU H 118 43.61 -58.30 0.06
N ALA H 119 44.45 -57.50 -0.61
CA ALA H 119 45.34 -56.49 0.00
C ALA H 119 44.85 -55.10 -0.43
N TYR H 120 44.23 -54.37 0.49
CA TYR H 120 43.51 -53.09 0.24
C TYR H 120 44.47 -51.92 0.44
N PHE H 121 44.63 -51.10 -0.60
CA PHE H 121 45.41 -49.83 -0.59
C PHE H 121 44.46 -48.68 -0.93
N GLY H 122 43.89 -48.04 0.09
CA GLY H 122 42.91 -46.95 -0.06
C GLY H 122 43.57 -45.60 -0.14
N ASP H 123 42.97 -44.68 -0.91
CA ASP H 123 43.42 -43.27 -1.06
C ASP H 123 44.89 -43.21 -1.52
N LEU H 124 45.23 -43.97 -2.56
CA LEU H 124 46.49 -43.77 -3.34
C LEU H 124 46.30 -42.53 -4.21
N PRO H 125 47.13 -41.47 -4.02
CA PRO H 125 47.10 -40.31 -4.90
C PRO H 125 47.23 -40.64 -6.41
N LEU H 126 46.42 -39.97 -7.23
CA LEU H 126 46.47 -40.08 -8.72
C LEU H 126 47.68 -39.31 -9.24
N ARG H 127 48.15 -38.30 -8.50
CA ARG H 127 49.30 -37.43 -8.87
C ARG H 127 50.32 -37.38 -7.75
N GLN H 128 51.61 -37.38 -8.10
CA GLN H 128 52.76 -37.12 -7.18
C GLN H 128 53.48 -35.87 -7.69
N GLY H 129 53.08 -34.70 -7.19
CA GLY H 129 53.45 -33.39 -7.76
C GLY H 129 52.48 -33.00 -8.86
N GLN H 130 52.98 -32.62 -10.04
CA GLN H 130 52.16 -32.25 -11.22
C GLN H 130 51.98 -33.47 -12.13
N HIS H 131 52.64 -34.58 -11.82
CA HIS H 131 52.75 -35.80 -12.69
C HIS H 131 51.72 -36.85 -12.26
N ALA H 132 51.13 -37.56 -13.23
CA ALA H 132 50.36 -38.80 -13.01
C ALA H 132 51.18 -39.73 -12.12
N ALA H 133 50.59 -40.32 -11.09
CA ALA H 133 51.29 -41.20 -10.14
C ALA H 133 51.60 -42.54 -10.83
N VAL H 134 52.69 -43.19 -10.42
CA VAL H 134 53.06 -44.57 -10.86
C VAL H 134 53.53 -45.33 -9.61
N TYR H 135 52.97 -46.53 -9.39
CA TYR H 135 53.17 -47.34 -8.16
C TYR H 135 53.72 -48.71 -8.56
N LEU H 136 54.70 -49.20 -7.77
CA LEU H 136 55.28 -50.56 -7.84
C LEU H 136 54.69 -51.39 -6.69
N PHE H 137 54.12 -52.56 -7.01
CA PHE H 137 53.48 -53.48 -6.04
C PHE H 137 54.28 -54.78 -5.95
N LYS H 138 55.00 -54.98 -4.84
CA LYS H 138 55.87 -56.17 -4.59
C LYS H 138 55.28 -57.00 -3.44
N GLU H 139 55.43 -58.33 -3.53
CA GLU H 139 55.21 -59.28 -2.40
C GLU H 139 56.52 -59.38 -1.62
N THR H 140 56.54 -58.85 -0.39
CA THR H 140 57.77 -58.70 0.45
C THR H 140 57.77 -59.76 1.57
N ALA H 141 56.91 -60.78 1.40
CA ALA H 141 56.68 -61.95 2.29
C ALA H 141 55.59 -61.60 3.31
N SER H 149 54.70 -63.96 -6.07
CA SER H 149 53.96 -63.23 -7.12
C SER H 149 54.91 -62.26 -7.84
N GLN H 150 54.57 -61.91 -9.08
CA GLN H 150 55.33 -60.94 -9.93
C GLN H 150 55.11 -59.52 -9.40
N ASN H 151 56.09 -58.64 -9.59
CA ASN H 151 55.99 -57.19 -9.26
C ASN H 151 55.12 -56.53 -10.34
N LEU H 152 54.31 -55.54 -9.97
CA LEU H 152 53.37 -54.83 -10.88
C LEU H 152 53.65 -53.33 -10.78
N VAL H 153 53.94 -52.69 -11.92
CA VAL H 153 54.08 -51.20 -12.05
C VAL H 153 52.79 -50.68 -12.68
N VAL H 154 52.02 -49.91 -11.93
CA VAL H 154 50.68 -49.38 -12.34
C VAL H 154 50.82 -47.89 -12.58
N VAL H 155 50.39 -47.43 -13.75
CA VAL H 155 50.38 -45.99 -14.16
C VAL H 155 48.96 -45.45 -13.97
N MET H 156 48.82 -44.32 -13.30
CA MET H 156 47.53 -43.62 -13.10
C MET H 156 47.20 -42.87 -14.40
N SER H 157 46.76 -43.62 -15.42
CA SER H 157 46.53 -43.15 -16.81
C SER H 157 45.38 -42.14 -16.86
N SER H 158 45.13 -41.57 -18.04
CA SER H 158 44.08 -40.53 -18.30
C SER H 158 42.74 -40.96 -17.71
N ASN H 159 42.30 -42.20 -17.95
CA ASN H 159 41.00 -42.77 -17.51
C ASN H 159 40.87 -42.62 -15.99
N LEU H 160 41.95 -42.89 -15.26
CA LEU H 160 42.00 -42.86 -13.77
C LEU H 160 42.08 -41.40 -13.30
N GLN H 161 42.84 -40.55 -13.99
CA GLN H 161 42.96 -39.09 -13.69
C GLN H 161 41.57 -38.43 -13.83
N HIS H 162 40.68 -39.00 -14.65
CA HIS H 162 39.36 -38.44 -15.01
C HIS H 162 38.27 -38.92 -14.04
N GLY H 163 38.59 -39.92 -13.20
CA GLY H 163 37.73 -40.37 -12.08
C GLY H 163 36.65 -41.34 -12.54
N ASN H 164 36.95 -42.20 -13.52
CA ASN H 164 36.00 -43.19 -14.09
C ASN H 164 36.05 -44.50 -13.28
N GLN H 165 37.20 -44.79 -12.64
CA GLN H 165 37.39 -45.95 -11.74
C GLN H 165 37.70 -45.47 -10.32
N SER H 166 36.86 -45.86 -9.35
CA SER H 166 37.07 -45.60 -7.89
C SER H 166 37.97 -46.68 -7.30
N ARG H 167 38.00 -47.87 -7.92
CA ARG H 167 38.82 -49.04 -7.47
C ARG H 167 39.49 -49.69 -8.69
N ILE H 168 40.78 -50.03 -8.55
CA ILE H 168 41.55 -50.88 -9.50
C ILE H 168 41.75 -52.25 -8.85
N ASP H 169 41.34 -53.33 -9.53
CA ASP H 169 41.45 -54.73 -9.04
C ASP H 169 42.60 -55.41 -9.79
N LEU H 170 43.72 -55.68 -9.09
CA LEU H 170 44.95 -56.29 -9.65
C LEU H 170 44.97 -57.79 -9.30
N PHE H 171 45.33 -58.62 -10.28
CA PHE H 171 45.45 -60.10 -10.17
C PHE H 171 46.85 -60.52 -10.64
N PRO H 172 47.90 -60.34 -9.81
CA PRO H 172 49.27 -60.68 -10.21
C PRO H 172 49.46 -62.17 -10.50
N LYS H 173 50.25 -62.49 -11.54
CA LYS H 173 50.59 -63.87 -11.97
C LYS H 173 51.75 -64.39 -11.11
N ASN H 174 52.30 -65.56 -11.46
CA ASN H 174 53.36 -66.27 -10.69
C ASN H 174 53.83 -67.49 -11.49
#